data_3DM5
#
_entry.id   3DM5
#
_cell.length_a   127.009
_cell.length_b   127.009
_cell.length_c   186.836
_cell.angle_alpha   90.00
_cell.angle_beta   90.00
_cell.angle_gamma   90.00
#
_symmetry.space_group_name_H-M   'P 42 21 2'
#
loop_
_entity.id
_entity.type
_entity.pdbx_description
1 polymer 'Signal recognition 54 kDa protein'
2 non-polymer 'SULFATE ION'
3 non-polymer 'ACETATE ION'
4 non-polymer "GUANOSINE-5'-DIPHOSPHATE"
5 water water
#
_entity_poly.entity_id   1
_entity_poly.type   'polypeptide(L)'
_entity_poly.pdbx_seq_one_letter_code
;MVLDNLGKALANTLKKIARASSVDEALIKELVRDIQRALIQADVNVRLVLQLTREIQRRALEEKPPAGISKKEHIIKIVY
EELTKFLGTEAKPIEIKEKPTILLMVGIQGSGKTTTVAKLARYFQKRGYKVGVVCSDTWRPGAYHQLRQLLDRYHIEVFG
NPQEKDAIKLAKEGVDYFKSKGVDIIIVDTAGRHKEDKALIEEMKQISNVIHPHEVILVIDGTIGQQAYNQALAFKEATP
IGSIIVTKLDGSAKGGGALSAVAATGAPIKFIGTGEKIDDIEPFDPPRFVSRLLGLGDIQGLLEKFKELEKEVEIKEEDI
ERFLRGKFTLKDMYAQLEAMRKMGPLKQILRMIPGLGYSLPDDVISIGEERLKKFKVIMDSMTEEELLNPEIINYSRIKR
IARGSGTSTKDVKELLDQYRQMKKLFKSMNKRQLSRLARRFGM
;
_entity_poly.pdbx_strand_id   A,B
#
loop_
_chem_comp.id
_chem_comp.type
_chem_comp.name
_chem_comp.formula
ACT non-polymer 'ACETATE ION' 'C2 H3 O2 -1'
GDP RNA linking GUANOSINE-5'-DIPHOSPHATE 'C10 H15 N5 O11 P2'
SO4 non-polymer 'SULFATE ION' 'O4 S -2'
#
# COMPACT_ATOMS: atom_id res chain seq x y z
N MET A 1 1.51 6.75 -6.15
CA MET A 1 0.56 6.69 -7.26
C MET A 1 1.24 6.63 -8.61
N VAL A 2 0.72 5.77 -9.48
CA VAL A 2 1.14 5.58 -10.88
C VAL A 2 2.55 5.05 -11.05
N LEU A 3 2.64 3.72 -11.05
CA LEU A 3 3.89 2.99 -11.24
C LEU A 3 4.88 3.26 -10.11
N ASP A 4 4.91 4.51 -9.66
CA ASP A 4 5.33 4.88 -8.30
C ASP A 4 6.69 4.33 -7.86
N ASN A 5 6.67 3.17 -7.24
CA ASN A 5 7.90 2.47 -6.89
C ASN A 5 8.80 2.22 -8.10
N LEU A 6 8.20 1.87 -9.24
CA LEU A 6 8.96 1.58 -10.45
C LEU A 6 9.70 2.85 -10.90
N GLY A 7 9.01 3.97 -10.84
CA GLY A 7 9.63 5.25 -11.12
C GLY A 7 10.89 5.49 -10.31
N LYS A 8 10.76 5.47 -8.99
CA LYS A 8 11.91 5.68 -8.12
C LYS A 8 13.04 4.73 -8.45
N ALA A 9 12.72 3.46 -8.65
CA ALA A 9 13.75 2.48 -8.91
C ALA A 9 14.46 2.72 -10.25
N LEU A 10 13.70 3.07 -11.28
CA LEU A 10 14.34 3.34 -12.57
C LEU A 10 15.22 4.59 -12.51
N ALA A 11 14.67 5.68 -11.99
CA ALA A 11 15.43 6.92 -11.83
C ALA A 11 16.75 6.72 -11.06
N ASN A 12 16.76 5.79 -10.10
CA ASN A 12 17.94 5.60 -9.27
C ASN A 12 19.09 4.94 -10.01
N THR A 13 18.75 4.10 -10.98
CA THR A 13 19.78 3.46 -11.77
C THR A 13 20.42 4.53 -12.64
N LEU A 14 19.64 5.53 -13.04
CA LEU A 14 20.15 6.61 -13.88
C LEU A 14 20.99 7.59 -13.05
N LYS A 15 20.55 7.87 -11.82
CA LYS A 15 21.33 8.66 -10.87
C LYS A 15 22.66 7.99 -10.60
N LYS A 16 22.63 6.68 -10.41
CA LYS A 16 23.84 5.94 -10.13
C LYS A 16 24.83 6.20 -11.24
N ILE A 17 24.35 6.12 -12.47
CA ILE A 17 25.19 6.36 -13.64
C ILE A 17 25.76 7.78 -13.62
N ALA A 18 24.92 8.75 -13.33
CA ALA A 18 25.35 10.14 -13.33
C ALA A 18 26.45 10.35 -12.33
N ARG A 19 26.42 9.54 -11.27
CA ARG A 19 27.30 9.74 -10.14
C ARG A 19 28.51 8.82 -10.21
N ALA A 20 28.44 7.82 -11.09
CA ALA A 20 29.49 6.82 -11.22
C ALA A 20 30.86 7.46 -11.36
N SER A 21 31.85 6.83 -10.72
CA SER A 21 33.24 7.29 -10.82
C SER A 21 33.74 7.17 -12.26
N SER A 22 33.39 6.07 -12.92
CA SER A 22 33.70 5.92 -14.34
C SER A 22 32.81 4.87 -14.96
N VAL A 23 32.74 4.87 -16.30
CA VAL A 23 31.88 3.95 -17.02
C VAL A 23 32.65 2.76 -17.58
N ASP A 24 32.67 1.66 -16.83
CA ASP A 24 33.24 0.41 -17.31
C ASP A 24 32.13 -0.60 -17.61
N GLU A 25 32.52 -1.83 -17.93
CA GLU A 25 31.54 -2.84 -18.29
C GLU A 25 30.77 -3.28 -17.04
N ALA A 26 31.43 -3.21 -15.89
CA ALA A 26 30.82 -3.60 -14.63
C ALA A 26 29.66 -2.69 -14.22
N LEU A 27 29.79 -1.42 -14.57
CA LEU A 27 28.77 -0.42 -14.30
C LEU A 27 27.51 -0.79 -15.06
N ILE A 28 27.68 -1.05 -16.36
CA ILE A 28 26.59 -1.46 -17.23
C ILE A 28 25.88 -2.69 -16.64
N LYS A 29 26.64 -3.76 -16.42
CA LYS A 29 26.05 -5.03 -15.99
C LYS A 29 25.19 -4.82 -14.76
N GLU A 30 25.58 -3.89 -13.90
CA GLU A 30 24.81 -3.57 -12.70
C GLU A 30 23.55 -2.77 -13.02
N LEU A 31 23.69 -1.86 -13.97
CA LEU A 31 22.56 -1.09 -14.46
C LEU A 31 21.51 -2.03 -15.00
N VAL A 32 21.94 -2.92 -15.91
CA VAL A 32 21.01 -3.85 -16.54
C VAL A 32 20.29 -4.68 -15.48
N ARG A 33 21.03 -5.13 -14.47
CA ARG A 33 20.44 -5.94 -13.43
C ARG A 33 19.53 -5.12 -12.51
N ASP A 34 19.91 -3.87 -12.25
CA ASP A 34 19.02 -2.99 -11.52
C ASP A 34 17.68 -2.84 -12.25
N ILE A 35 17.72 -2.75 -13.58
CA ILE A 35 16.51 -2.58 -14.36
C ILE A 35 15.67 -3.86 -14.45
N GLN A 36 16.32 -5.00 -14.63
CA GLN A 36 15.60 -6.26 -14.58
C GLN A 36 14.82 -6.37 -13.28
N ARG A 37 15.48 -6.09 -12.16
CA ARG A 37 14.82 -6.20 -10.87
C ARG A 37 13.62 -5.26 -10.74
N ALA A 38 13.78 -4.02 -11.19
CA ALA A 38 12.70 -3.06 -11.07
C ALA A 38 11.53 -3.52 -11.93
N LEU A 39 11.82 -3.83 -13.19
CA LEU A 39 10.82 -4.30 -14.15
C LEU A 39 10.07 -5.54 -13.68
N ILE A 40 10.81 -6.59 -13.31
CA ILE A 40 10.20 -7.86 -12.87
C ILE A 40 9.27 -7.66 -11.68
N GLN A 41 9.66 -6.74 -10.82
CA GLN A 41 8.91 -6.44 -9.62
C GLN A 41 7.59 -5.75 -9.92
N ALA A 42 7.52 -5.07 -11.07
CA ALA A 42 6.30 -4.40 -11.51
C ALA A 42 5.49 -5.33 -12.42
N ASP A 43 5.86 -6.60 -12.41
CA ASP A 43 5.15 -7.67 -13.12
C ASP A 43 5.34 -7.62 -14.61
N VAL A 44 6.45 -7.06 -15.08
CA VAL A 44 6.71 -7.12 -16.52
C VAL A 44 7.14 -8.54 -16.90
N ASN A 45 6.49 -9.11 -17.91
CA ASN A 45 6.85 -10.42 -18.41
C ASN A 45 8.36 -10.61 -18.47
N VAL A 46 8.84 -11.74 -17.98
CA VAL A 46 10.29 -11.97 -17.93
C VAL A 46 10.94 -11.98 -19.30
N ARG A 47 10.35 -12.68 -20.26
CA ARG A 47 10.87 -12.69 -21.61
C ARG A 47 11.00 -11.26 -22.20
N LEU A 48 10.00 -10.42 -21.96
CA LEU A 48 10.05 -9.05 -22.43
C LEU A 48 11.19 -8.27 -21.77
N VAL A 49 11.40 -8.51 -20.47
CA VAL A 49 12.46 -7.81 -19.75
C VAL A 49 13.85 -8.21 -20.23
N LEU A 50 14.03 -9.51 -20.48
CA LEU A 50 15.28 -10.02 -21.03
C LEU A 50 15.62 -9.32 -22.32
N GLN A 51 14.65 -9.24 -23.21
CA GLN A 51 14.85 -8.72 -24.54
C GLN A 51 15.24 -7.25 -24.47
N LEU A 52 14.54 -6.51 -23.64
CA LEU A 52 14.85 -5.11 -23.45
C LEU A 52 16.22 -4.88 -22.83
N THR A 53 16.55 -5.62 -21.78
CA THR A 53 17.81 -5.34 -21.10
C THR A 53 19.02 -5.89 -21.85
N ARG A 54 18.78 -6.79 -22.80
CA ARG A 54 19.84 -7.30 -23.66
C ARG A 54 20.16 -6.27 -24.73
N GLU A 55 19.13 -5.55 -25.16
CA GLU A 55 19.32 -4.47 -26.13
C GLU A 55 20.04 -3.29 -25.47
N ILE A 56 19.63 -2.98 -24.24
CA ILE A 56 20.26 -1.90 -23.49
C ILE A 56 21.71 -2.22 -23.22
N GLN A 57 21.98 -3.44 -22.76
CA GLN A 57 23.35 -3.88 -22.50
C GLN A 57 24.21 -3.75 -23.74
N ARG A 58 23.67 -4.26 -24.86
CA ARG A 58 24.36 -4.27 -26.14
C ARG A 58 24.68 -2.85 -26.62
N ARG A 59 23.67 -2.01 -26.74
CA ARG A 59 23.89 -0.62 -27.16
C ARG A 59 24.91 0.12 -26.27
N ALA A 60 24.88 -0.13 -24.97
CA ALA A 60 25.79 0.56 -24.06
C ALA A 60 27.22 0.10 -24.30
N LEU A 61 27.43 -1.21 -24.26
CA LEU A 61 28.73 -1.84 -24.49
C LEU A 61 29.41 -1.47 -25.82
N GLU A 62 28.66 -1.46 -26.92
CA GLU A 62 29.29 -1.34 -28.23
C GLU A 62 28.90 -0.11 -29.04
N GLU A 63 28.52 0.97 -28.38
CA GLU A 63 28.07 2.16 -29.10
C GLU A 63 28.88 3.36 -28.65
N LYS A 64 29.45 4.06 -29.62
CA LYS A 64 30.28 5.23 -29.32
C LYS A 64 29.38 6.45 -29.16
N PRO A 65 29.56 7.17 -28.05
CA PRO A 65 28.80 8.41 -27.85
C PRO A 65 29.15 9.39 -28.94
N PRO A 66 28.14 10.02 -29.56
CA PRO A 66 28.34 11.08 -30.56
C PRO A 66 29.27 12.18 -30.04
N ALA A 67 29.76 13.00 -30.96
CA ALA A 67 30.73 14.06 -30.65
C ALA A 67 30.30 15.00 -29.53
N GLY A 68 31.12 15.08 -28.48
CA GLY A 68 30.87 15.97 -27.36
C GLY A 68 29.88 15.43 -26.34
N ILE A 69 29.58 14.15 -26.43
CA ILE A 69 28.64 13.48 -25.51
C ILE A 69 29.38 12.37 -24.78
N SER A 70 29.41 12.42 -23.45
CA SER A 70 30.14 11.40 -22.70
C SER A 70 29.50 10.02 -22.80
N LYS A 71 30.29 9.00 -22.50
CA LYS A 71 29.79 7.63 -22.46
C LYS A 71 28.60 7.61 -21.50
N LYS A 72 28.79 8.27 -20.37
CA LYS A 72 27.80 8.40 -19.31
C LYS A 72 26.45 9.04 -19.74
N GLU A 73 26.50 10.14 -20.48
CA GLU A 73 25.27 10.81 -20.90
C GLU A 73 24.62 10.04 -22.01
N HIS A 74 25.40 9.21 -22.69
CA HIS A 74 24.86 8.49 -23.81
C HIS A 74 24.15 7.25 -23.29
N ILE A 75 24.63 6.72 -22.16
CA ILE A 75 23.93 5.62 -21.50
C ILE A 75 22.56 6.11 -21.04
N ILE A 76 22.53 7.26 -20.38
CA ILE A 76 21.29 7.83 -19.91
C ILE A 76 20.35 7.89 -21.09
N LYS A 77 20.88 8.29 -22.25
CA LYS A 77 20.09 8.40 -23.48
C LYS A 77 19.57 7.05 -23.98
N ILE A 78 20.45 6.07 -24.04
CA ILE A 78 20.08 4.71 -24.44
C ILE A 78 18.91 4.15 -23.60
N VAL A 79 19.04 4.20 -22.29
CA VAL A 79 17.98 3.78 -21.39
C VAL A 79 16.66 4.52 -21.66
N TYR A 80 16.69 5.84 -21.79
CA TYR A 80 15.47 6.60 -22.00
C TYR A 80 14.77 6.19 -23.27
N GLU A 81 15.57 5.92 -24.29
CA GLU A 81 15.08 5.64 -25.63
C GLU A 81 14.53 4.23 -25.75
N GLU A 82 15.23 3.29 -25.15
CA GLU A 82 14.77 1.91 -25.10
C GLU A 82 13.44 1.77 -24.32
N LEU A 83 13.36 2.39 -23.14
CA LEU A 83 12.17 2.36 -22.33
C LEU A 83 11.00 3.01 -23.06
N THR A 84 11.25 4.09 -23.78
CA THR A 84 10.18 4.74 -24.53
C THR A 84 9.58 3.83 -25.61
N LYS A 85 10.42 3.08 -26.33
CA LYS A 85 9.92 2.17 -27.37
C LYS A 85 9.18 1.01 -26.73
N PHE A 86 9.59 0.68 -25.51
CA PHE A 86 9.09 -0.46 -24.76
C PHE A 86 7.64 -0.18 -24.34
N LEU A 87 7.27 1.10 -24.31
CA LEU A 87 5.93 1.51 -23.91
C LEU A 87 5.15 2.18 -25.06
N GLY A 88 5.47 1.83 -26.30
CA GLY A 88 4.71 2.33 -27.44
C GLY A 88 5.31 3.41 -28.34
N THR A 89 6.52 3.87 -28.04
CA THR A 89 7.27 4.80 -28.89
C THR A 89 6.74 6.22 -29.03
N GLU A 90 5.47 6.39 -29.41
CA GLU A 90 4.93 7.73 -29.57
C GLU A 90 3.44 7.75 -29.35
N ALA A 91 2.93 8.95 -29.09
CA ALA A 91 1.49 9.19 -28.97
C ALA A 91 0.71 8.83 -30.23
N LYS A 92 -0.43 8.18 -30.04
CA LYS A 92 -1.39 7.95 -31.12
C LYS A 92 -2.71 8.49 -30.61
N PRO A 93 -2.94 9.79 -30.78
CA PRO A 93 -4.16 10.44 -30.25
C PRO A 93 -5.42 9.88 -30.86
N ILE A 94 -6.56 10.21 -30.29
CA ILE A 94 -7.85 9.92 -30.90
C ILE A 94 -8.19 11.09 -31.80
N GLU A 95 -8.41 10.82 -33.08
CA GLU A 95 -8.83 11.86 -34.02
C GLU A 95 -10.33 12.12 -33.97
N ILE A 96 -10.69 13.39 -33.78
CA ILE A 96 -12.08 13.81 -33.90
C ILE A 96 -12.24 14.56 -35.23
N LYS A 97 -12.68 13.85 -36.27
CA LYS A 97 -12.89 14.45 -37.58
C LYS A 97 -14.37 14.32 -37.97
N GLU A 98 -14.85 13.08 -38.04
CA GLU A 98 -16.23 12.82 -38.43
C GLU A 98 -17.18 13.70 -37.62
N LYS A 99 -18.39 13.96 -38.12
CA LYS A 99 -19.38 14.55 -37.23
C LYS A 99 -19.59 13.47 -36.18
N PRO A 100 -20.80 13.31 -35.61
CA PRO A 100 -20.67 12.60 -34.34
C PRO A 100 -19.55 11.58 -34.42
N THR A 101 -18.42 11.87 -33.78
CA THR A 101 -17.36 10.86 -33.70
C THR A 101 -17.78 9.90 -32.61
N ILE A 102 -17.95 8.64 -32.98
CA ILE A 102 -18.49 7.62 -32.08
C ILE A 102 -17.40 6.70 -31.52
N LEU A 103 -17.38 6.62 -30.18
CA LEU A 103 -16.38 5.82 -29.47
C LEU A 103 -17.10 4.71 -28.75
N LEU A 104 -16.71 3.48 -29.06
CA LEU A 104 -17.40 2.32 -28.49
C LEU A 104 -16.51 1.71 -27.42
N MET A 105 -17.01 1.66 -26.18
CA MET A 105 -16.23 1.20 -25.04
C MET A 105 -16.59 -0.21 -24.59
N VAL A 106 -15.59 -1.08 -24.50
CA VAL A 106 -15.79 -2.47 -24.10
C VAL A 106 -14.88 -2.80 -22.93
N GLY A 107 -15.25 -3.80 -22.13
CA GLY A 107 -14.49 -4.17 -20.96
C GLY A 107 -15.24 -5.08 -19.99
N ILE A 108 -14.50 -5.84 -19.20
CA ILE A 108 -15.16 -6.76 -18.29
C ILE A 108 -15.50 -6.08 -16.96
N GLN A 109 -16.35 -6.72 -16.16
CA GLN A 109 -16.73 -6.16 -14.86
C GLN A 109 -15.50 -5.86 -14.02
N GLY A 110 -15.48 -4.68 -13.39
CA GLY A 110 -14.34 -4.25 -12.60
C GLY A 110 -13.08 -3.88 -13.38
N SER A 111 -13.25 -3.53 -14.64
CA SER A 111 -12.13 -3.00 -15.39
C SER A 111 -12.05 -1.52 -15.12
N GLY A 112 -13.14 -0.97 -14.60
CA GLY A 112 -13.26 0.46 -14.44
C GLY A 112 -13.83 1.13 -15.69
N LYS A 113 -14.54 0.36 -16.52
CA LYS A 113 -15.14 0.87 -17.76
C LYS A 113 -16.19 1.97 -17.55
N THR A 114 -17.21 1.69 -16.75
CA THR A 114 -18.22 2.71 -16.48
C THR A 114 -17.55 4.06 -16.14
N THR A 115 -16.68 4.03 -15.12
CA THR A 115 -15.96 5.24 -14.69
C THR A 115 -15.16 5.86 -15.82
N THR A 116 -14.39 5.03 -16.53
CA THR A 116 -13.65 5.54 -17.67
C THR A 116 -14.56 6.21 -18.71
N VAL A 117 -15.81 5.77 -18.84
CA VAL A 117 -16.68 6.34 -19.85
C VAL A 117 -16.94 7.79 -19.46
N ALA A 118 -17.14 8.03 -18.16
CA ALA A 118 -17.39 9.38 -17.64
C ALA A 118 -16.16 10.26 -17.76
N LYS A 119 -15.00 9.69 -17.43
CA LYS A 119 -13.75 10.41 -17.51
C LYS A 119 -13.48 10.92 -18.91
N LEU A 120 -13.66 10.04 -19.89
CA LEU A 120 -13.48 10.36 -21.30
C LEU A 120 -14.51 11.41 -21.77
N ALA A 121 -15.76 11.27 -21.38
CA ALA A 121 -16.76 12.27 -21.73
C ALA A 121 -16.36 13.64 -21.18
N ARG A 122 -15.99 13.66 -19.91
CA ARG A 122 -15.60 14.92 -19.25
C ARG A 122 -14.32 15.51 -19.87
N TYR A 123 -13.35 14.65 -20.20
CA TYR A 123 -12.14 15.11 -20.86
C TYR A 123 -12.51 15.92 -22.11
N PHE A 124 -13.41 15.38 -22.92
CA PHE A 124 -13.79 16.05 -24.14
C PHE A 124 -14.65 17.30 -23.94
N GLN A 125 -15.58 17.23 -23.00
CA GLN A 125 -16.43 18.38 -22.68
C GLN A 125 -15.63 19.58 -22.16
N LYS A 126 -14.76 19.33 -21.19
CA LYS A 126 -13.80 20.33 -20.74
C LYS A 126 -13.12 21.06 -21.90
N ARG A 127 -13.02 20.41 -23.05
CA ARG A 127 -12.26 20.98 -24.16
C ARG A 127 -13.19 21.52 -25.24
N GLY A 128 -14.42 21.84 -24.85
CA GLY A 128 -15.35 22.53 -25.73
C GLY A 128 -16.22 21.68 -26.63
N TYR A 129 -16.25 20.37 -26.41
CA TYR A 129 -17.08 19.50 -27.22
C TYR A 129 -18.44 19.30 -26.59
N LYS A 130 -19.44 19.07 -27.44
CA LYS A 130 -20.71 18.57 -26.94
C LYS A 130 -20.58 17.07 -26.90
N VAL A 131 -20.89 16.48 -25.75
CA VAL A 131 -20.76 15.04 -25.61
C VAL A 131 -22.07 14.44 -25.18
N GLY A 132 -22.39 13.28 -25.76
CA GLY A 132 -23.45 12.45 -25.25
C GLY A 132 -22.90 11.06 -24.95
N VAL A 133 -23.33 10.46 -23.86
CA VAL A 133 -22.98 9.08 -23.61
C VAL A 133 -24.24 8.26 -23.72
N VAL A 134 -24.06 7.05 -24.22
CA VAL A 134 -25.14 6.12 -24.41
C VAL A 134 -24.79 4.93 -23.56
N CYS A 135 -25.65 4.59 -22.62
CA CYS A 135 -25.40 3.45 -21.76
C CYS A 135 -26.17 2.22 -22.25
N SER A 136 -25.49 1.33 -22.97
CA SER A 136 -26.14 0.12 -23.44
C SER A 136 -25.70 -1.09 -22.61
N ASP A 137 -25.34 -0.83 -21.36
CA ASP A 137 -24.87 -1.87 -20.43
C ASP A 137 -26.06 -2.56 -19.80
N THR A 138 -26.52 -3.63 -20.45
CA THR A 138 -27.66 -4.40 -19.99
C THR A 138 -27.24 -5.45 -18.97
N TRP A 139 -25.92 -5.61 -18.81
CA TRP A 139 -25.31 -6.60 -17.92
C TRP A 139 -25.28 -6.18 -16.43
N ARG A 140 -25.22 -4.87 -16.19
CA ARG A 140 -25.41 -4.30 -14.85
C ARG A 140 -26.02 -2.92 -15.01
N PRO A 141 -27.35 -2.87 -15.25
CA PRO A 141 -28.17 -1.67 -15.51
C PRO A 141 -28.07 -0.55 -14.46
N GLY A 142 -27.52 -0.85 -13.27
CA GLY A 142 -27.13 0.18 -12.31
C GLY A 142 -26.16 1.19 -12.93
N ALA A 143 -25.57 0.81 -14.05
CA ALA A 143 -24.59 1.63 -14.75
C ALA A 143 -25.20 2.90 -15.28
N TYR A 144 -26.47 2.84 -15.69
CA TYR A 144 -27.12 4.04 -16.17
C TYR A 144 -27.09 5.09 -15.05
N HIS A 145 -27.48 4.68 -13.84
CA HIS A 145 -27.49 5.60 -12.71
C HIS A 145 -26.11 6.05 -12.25
N GLN A 146 -25.14 5.14 -12.24
CA GLN A 146 -23.75 5.52 -11.96
C GLN A 146 -23.22 6.60 -12.90
N LEU A 147 -23.60 6.52 -14.18
CA LEU A 147 -23.18 7.50 -15.16
C LEU A 147 -23.89 8.82 -14.89
N ARG A 148 -25.18 8.76 -14.57
CA ARG A 148 -25.94 9.96 -14.17
C ARG A 148 -25.24 10.65 -13.00
N GLN A 149 -24.92 9.86 -11.97
CA GLN A 149 -24.14 10.31 -10.81
C GLN A 149 -22.84 11.04 -11.20
N LEU A 150 -22.07 10.44 -12.11
CA LEU A 150 -20.79 11.05 -12.48
C LEU A 150 -20.93 12.27 -13.39
N LEU A 151 -22.02 12.33 -14.14
CA LEU A 151 -22.06 13.19 -15.31
C LEU A 151 -23.06 14.33 -15.28
N ASP A 152 -24.10 14.21 -14.45
CA ASP A 152 -25.13 15.25 -14.37
C ASP A 152 -24.55 16.64 -14.06
N ARG A 153 -23.57 16.70 -13.15
CA ARG A 153 -22.97 17.97 -12.75
C ARG A 153 -22.48 18.72 -13.97
N TYR A 154 -22.13 17.99 -15.02
CA TYR A 154 -21.53 18.62 -16.17
C TYR A 154 -22.54 18.81 -17.28
N HIS A 155 -23.78 18.40 -17.00
CA HIS A 155 -24.86 18.50 -17.98
C HIS A 155 -24.57 17.69 -19.26
N ILE A 156 -23.64 16.76 -19.14
CA ILE A 156 -23.40 15.81 -20.20
C ILE A 156 -24.53 14.81 -20.21
N GLU A 157 -25.25 14.77 -21.33
CA GLU A 157 -26.35 13.83 -21.48
C GLU A 157 -25.94 12.36 -21.39
N VAL A 158 -26.74 11.62 -20.64
CA VAL A 158 -26.59 10.18 -20.52
C VAL A 158 -27.88 9.52 -20.99
N PHE A 159 -27.87 8.94 -22.20
CA PHE A 159 -29.01 8.16 -22.72
C PHE A 159 -28.97 6.76 -22.14
N GLY A 160 -30.10 6.28 -21.64
CA GLY A 160 -30.12 4.91 -21.15
C GLY A 160 -31.52 4.39 -21.07
N ASN A 161 -31.65 3.21 -20.47
CA ASN A 161 -32.93 2.63 -20.12
C ASN A 161 -32.74 1.35 -19.35
N PRO A 162 -32.49 1.46 -18.04
CA PRO A 162 -32.30 0.28 -17.18
C PRO A 162 -33.39 -0.79 -17.42
N GLN A 163 -34.42 -0.45 -18.18
CA GLN A 163 -35.50 -1.37 -18.50
C GLN A 163 -35.55 -1.71 -19.99
N GLU A 164 -34.37 -1.85 -20.58
CA GLU A 164 -34.24 -2.39 -21.94
C GLU A 164 -33.28 -3.56 -21.92
N LYS A 165 -33.58 -4.60 -22.69
CA LYS A 165 -32.85 -5.85 -22.52
C LYS A 165 -32.14 -6.31 -23.80
N ASP A 166 -32.37 -5.62 -24.91
CA ASP A 166 -31.64 -5.92 -26.12
C ASP A 166 -30.44 -4.97 -26.20
N ALA A 167 -29.23 -5.53 -26.15
CA ALA A 167 -28.03 -4.71 -26.01
C ALA A 167 -27.76 -3.89 -27.26
N ILE A 168 -27.77 -4.55 -28.42
CA ILE A 168 -27.58 -3.87 -29.70
C ILE A 168 -28.74 -2.89 -30.00
N LYS A 169 -29.98 -3.29 -29.74
CA LYS A 169 -31.06 -2.36 -29.89
C LYS A 169 -30.76 -1.09 -29.11
N LEU A 170 -30.37 -1.27 -27.85
CA LEU A 170 -30.16 -0.16 -26.92
C LEU A 170 -29.10 0.79 -27.46
N ALA A 171 -28.00 0.21 -27.91
CA ALA A 171 -26.89 1.00 -28.40
C ALA A 171 -27.25 1.81 -29.65
N LYS A 172 -28.10 1.24 -30.50
CA LYS A 172 -28.56 1.96 -31.70
C LYS A 172 -29.59 3.04 -31.38
N GLU A 173 -30.60 2.73 -30.57
CA GLU A 173 -31.54 3.76 -30.15
C GLU A 173 -30.80 4.94 -29.53
N GLY A 174 -29.81 4.63 -28.69
CA GLY A 174 -29.08 5.66 -27.98
C GLY A 174 -28.33 6.55 -28.94
N VAL A 175 -27.57 5.92 -29.82
CA VAL A 175 -26.75 6.68 -30.75
C VAL A 175 -27.62 7.62 -31.59
N ASP A 176 -28.75 7.10 -32.06
CA ASP A 176 -29.64 7.90 -32.90
C ASP A 176 -30.24 9.06 -32.12
N TYR A 177 -30.65 8.78 -30.89
CA TYR A 177 -31.16 9.83 -30.01
C TYR A 177 -30.14 10.92 -29.72
N PHE A 178 -29.00 10.56 -29.10
CA PHE A 178 -28.00 11.56 -28.78
C PHE A 178 -27.52 12.25 -30.08
N LYS A 179 -27.52 11.53 -31.20
CA LYS A 179 -27.14 12.11 -32.49
C LYS A 179 -28.12 13.20 -32.94
N SER A 180 -29.40 13.00 -32.62
CA SER A 180 -30.42 13.99 -32.94
C SER A 180 -30.19 15.27 -32.16
N LYS A 181 -29.67 15.13 -30.95
CA LYS A 181 -29.54 16.27 -30.02
C LYS A 181 -28.42 17.23 -30.38
N GLY A 182 -27.56 16.84 -31.32
CA GLY A 182 -26.56 17.75 -31.85
C GLY A 182 -25.12 17.57 -31.41
N VAL A 183 -24.79 16.41 -30.85
CA VAL A 183 -23.50 16.24 -30.22
C VAL A 183 -22.34 16.09 -31.20
N ASP A 184 -21.16 16.50 -30.77
CA ASP A 184 -19.92 16.29 -31.49
C ASP A 184 -19.40 14.87 -31.21
N ILE A 185 -19.49 14.44 -29.96
CA ILE A 185 -18.89 13.17 -29.56
C ILE A 185 -19.90 12.31 -28.84
N ILE A 186 -20.01 11.05 -29.27
CA ILE A 186 -20.83 10.08 -28.57
C ILE A 186 -19.98 8.93 -28.03
N ILE A 187 -20.08 8.68 -26.73
CA ILE A 187 -19.39 7.57 -26.09
C ILE A 187 -20.39 6.52 -25.70
N VAL A 188 -20.17 5.30 -26.19
CA VAL A 188 -21.09 4.19 -25.99
C VAL A 188 -20.51 3.15 -25.06
N ASP A 189 -21.22 2.94 -23.95
CA ASP A 189 -20.82 2.09 -22.85
C ASP A 189 -21.57 0.76 -23.00
N THR A 190 -20.87 -0.25 -23.48
CA THR A 190 -21.49 -1.54 -23.75
C THR A 190 -21.53 -2.39 -22.50
N ALA A 191 -22.18 -3.55 -22.61
CA ALA A 191 -22.32 -4.44 -21.48
C ALA A 191 -21.00 -5.16 -21.19
N GLY A 192 -20.63 -5.19 -19.92
CA GLY A 192 -19.46 -5.95 -19.53
C GLY A 192 -19.80 -7.42 -19.49
N ARG A 193 -18.83 -8.26 -19.16
CA ARG A 193 -19.08 -9.65 -18.85
C ARG A 193 -18.08 -10.02 -17.78
N HIS A 194 -18.11 -11.25 -17.29
CA HIS A 194 -17.19 -11.64 -16.23
C HIS A 194 -15.74 -11.71 -16.69
N LYS A 195 -15.50 -12.43 -17.78
CA LYS A 195 -14.18 -12.44 -18.37
C LYS A 195 -14.23 -12.02 -19.82
N GLU A 196 -13.06 -11.90 -20.43
CA GLU A 196 -12.99 -11.53 -21.83
C GLU A 196 -13.03 -12.82 -22.65
N ASP A 197 -14.20 -13.44 -22.68
CA ASP A 197 -14.35 -14.71 -23.37
C ASP A 197 -14.86 -14.51 -24.80
N LYS A 198 -15.02 -15.60 -25.54
CA LYS A 198 -15.50 -15.49 -26.90
C LYS A 198 -16.83 -14.74 -26.98
N ALA A 199 -17.72 -14.96 -26.02
CA ALA A 199 -18.98 -14.23 -25.99
C ALA A 199 -18.74 -12.73 -26.09
N LEU A 200 -17.85 -12.23 -25.25
CA LEU A 200 -17.60 -10.79 -25.19
C LEU A 200 -17.06 -10.20 -26.49
N ILE A 201 -16.12 -10.88 -27.13
CA ILE A 201 -15.52 -10.35 -28.34
C ILE A 201 -16.54 -10.42 -29.46
N GLU A 202 -17.33 -11.50 -29.48
CA GLU A 202 -18.39 -11.66 -30.46
C GLU A 202 -19.45 -10.55 -30.33
N GLU A 203 -19.86 -10.28 -29.11
CA GLU A 203 -20.80 -9.20 -28.86
C GLU A 203 -20.24 -7.84 -29.27
N MET A 204 -18.92 -7.67 -29.20
CA MET A 204 -18.39 -6.38 -29.64
C MET A 204 -18.35 -6.30 -31.16
N LYS A 205 -18.05 -7.41 -31.82
CA LYS A 205 -18.05 -7.43 -33.29
C LYS A 205 -19.43 -7.09 -33.80
N GLN A 206 -20.46 -7.67 -33.19
CA GLN A 206 -21.84 -7.37 -33.54
C GLN A 206 -22.25 -5.93 -33.30
N ILE A 207 -22.07 -5.41 -32.08
CA ILE A 207 -22.38 -4.00 -31.79
C ILE A 207 -21.59 -3.02 -32.67
N SER A 208 -20.33 -3.35 -32.96
CA SER A 208 -19.52 -2.52 -33.83
C SER A 208 -20.04 -2.50 -35.28
N ASN A 209 -20.61 -3.61 -35.73
CA ASN A 209 -21.09 -3.68 -37.09
C ASN A 209 -22.36 -2.85 -37.24
N VAL A 210 -23.19 -2.95 -36.23
CA VAL A 210 -24.42 -2.18 -36.19
C VAL A 210 -24.21 -0.65 -36.06
N ILE A 211 -23.34 -0.20 -35.15
CA ILE A 211 -23.25 1.26 -34.92
C ILE A 211 -22.14 1.95 -35.71
N HIS A 212 -21.16 1.19 -36.16
CA HIS A 212 -20.14 1.71 -37.05
C HIS A 212 -19.32 2.81 -36.38
N PRO A 213 -18.70 2.49 -35.23
CA PRO A 213 -18.04 3.54 -34.45
C PRO A 213 -16.80 4.00 -35.17
N HIS A 214 -16.36 5.21 -34.85
CA HIS A 214 -15.05 5.64 -35.29
C HIS A 214 -13.93 4.81 -34.64
N GLU A 215 -14.16 4.34 -33.43
CA GLU A 215 -13.12 3.66 -32.68
C GLU A 215 -13.70 2.72 -31.63
N VAL A 216 -13.02 1.60 -31.39
CA VAL A 216 -13.43 0.70 -30.34
C VAL A 216 -12.34 0.70 -29.28
N ILE A 217 -12.73 0.98 -28.04
CA ILE A 217 -11.76 1.17 -26.95
C ILE A 217 -11.99 0.14 -25.87
N LEU A 218 -11.00 -0.71 -25.68
CA LEU A 218 -11.01 -1.73 -24.64
C LEU A 218 -10.37 -1.15 -23.37
N VAL A 219 -11.09 -1.29 -22.26
CA VAL A 219 -10.65 -0.77 -20.98
C VAL A 219 -10.07 -1.92 -20.15
N ILE A 220 -8.78 -1.86 -19.88
CA ILE A 220 -8.10 -2.92 -19.15
C ILE A 220 -7.67 -2.44 -17.76
N ASP A 221 -7.99 -3.26 -16.76
CA ASP A 221 -7.58 -3.04 -15.39
C ASP A 221 -6.09 -3.34 -15.26
N GLY A 222 -5.31 -2.30 -14.99
CA GLY A 222 -3.86 -2.44 -14.99
C GLY A 222 -3.29 -3.17 -13.80
N THR A 223 -4.11 -3.53 -12.83
CA THR A 223 -3.62 -4.26 -11.68
C THR A 223 -3.46 -5.72 -12.01
N ILE A 224 -3.87 -6.11 -13.21
CA ILE A 224 -3.65 -7.48 -13.69
C ILE A 224 -2.23 -7.71 -14.22
N GLY A 225 -1.43 -6.65 -14.30
CA GLY A 225 -0.07 -6.80 -14.74
C GLY A 225 0.05 -7.39 -16.13
N GLN A 226 0.95 -8.36 -16.28
CA GLN A 226 1.31 -8.86 -17.60
C GLN A 226 0.22 -9.69 -18.24
N GLN A 227 -0.84 -10.01 -17.48
CA GLN A 227 -1.99 -10.74 -18.03
C GLN A 227 -2.78 -9.90 -19.02
N ALA A 228 -2.46 -8.61 -19.12
CA ALA A 228 -3.13 -7.75 -20.08
C ALA A 228 -2.78 -8.11 -21.50
N TYR A 229 -1.63 -8.76 -21.68
CA TYR A 229 -1.17 -9.09 -23.02
C TYR A 229 -2.22 -9.83 -23.84
N ASN A 230 -2.65 -10.98 -23.35
CA ASN A 230 -3.60 -11.82 -24.07
C ASN A 230 -4.97 -11.18 -24.28
N GLN A 231 -5.40 -10.38 -23.32
CA GLN A 231 -6.65 -9.63 -23.44
C GLN A 231 -6.53 -8.58 -24.53
N ALA A 232 -5.42 -7.84 -24.56
CA ALA A 232 -5.21 -6.82 -25.59
C ALA A 232 -5.10 -7.47 -26.95
N LEU A 233 -4.38 -8.58 -27.00
CA LEU A 233 -4.11 -9.26 -28.24
C LEU A 233 -5.38 -9.81 -28.87
N ALA A 234 -6.21 -10.49 -28.09
CA ALA A 234 -7.46 -11.05 -28.63
C ALA A 234 -8.33 -9.93 -29.18
N PHE A 235 -8.48 -8.88 -28.40
CA PHE A 235 -9.21 -7.69 -28.83
C PHE A 235 -8.65 -7.10 -30.13
N LYS A 236 -7.35 -6.80 -30.15
CA LYS A 236 -6.71 -6.17 -31.30
C LYS A 236 -6.90 -6.99 -32.58
N GLU A 237 -7.22 -8.27 -32.42
CA GLU A 237 -7.41 -9.16 -33.55
C GLU A 237 -8.88 -9.22 -33.98
N ALA A 238 -9.80 -8.79 -33.12
CA ALA A 238 -11.23 -8.77 -33.42
C ALA A 238 -11.72 -7.42 -33.94
N THR A 239 -10.80 -6.51 -34.21
CA THR A 239 -11.18 -5.18 -34.64
C THR A 239 -10.01 -4.44 -35.27
N PRO A 240 -10.24 -3.91 -36.45
CA PRO A 240 -9.20 -3.15 -37.15
C PRO A 240 -9.12 -1.73 -36.62
N ILE A 241 -10.06 -1.35 -35.75
CA ILE A 241 -10.06 0.02 -35.20
C ILE A 241 -10.00 0.08 -33.67
N GLY A 242 -9.13 -0.74 -33.08
CA GLY A 242 -9.10 -0.85 -31.63
C GLY A 242 -8.01 -0.03 -30.97
N SER A 243 -8.32 0.52 -29.80
CA SER A 243 -7.31 1.10 -28.91
C SER A 243 -7.59 0.72 -27.48
N ILE A 244 -6.75 1.17 -26.56
CA ILE A 244 -6.80 0.69 -25.19
C ILE A 244 -6.72 1.83 -24.20
N ILE A 245 -7.53 1.76 -23.16
CA ILE A 245 -7.29 2.56 -21.98
C ILE A 245 -6.96 1.62 -20.83
N VAL A 246 -5.88 1.92 -20.13
CA VAL A 246 -5.45 1.11 -19.01
C VAL A 246 -5.77 1.84 -17.71
N THR A 247 -6.55 1.21 -16.84
CA THR A 247 -7.02 1.89 -15.64
C THR A 247 -6.23 1.48 -14.39
N LYS A 248 -6.44 2.22 -13.30
CA LYS A 248 -5.95 1.84 -11.99
C LYS A 248 -4.43 1.73 -11.97
N LEU A 249 -3.75 2.64 -12.67
CA LEU A 249 -2.29 2.64 -12.62
C LEU A 249 -1.79 3.24 -11.29
N ASP A 250 -2.66 4.02 -10.66
CA ASP A 250 -2.33 4.71 -9.43
C ASP A 250 -2.06 3.75 -8.27
N GLY A 251 -0.84 3.79 -7.74
CA GLY A 251 -0.48 2.98 -6.61
C GLY A 251 -0.20 1.53 -6.95
N SER A 252 -0.69 1.05 -8.09
CA SER A 252 -0.61 -0.38 -8.37
C SER A 252 0.83 -0.80 -8.60
N ALA A 253 1.16 -1.92 -7.98
CA ALA A 253 2.52 -2.46 -8.12
C ALA A 253 2.75 -3.04 -9.52
N LYS A 254 1.66 -3.28 -10.25
CA LYS A 254 1.72 -4.09 -11.45
C LYS A 254 1.39 -3.37 -12.77
N GLY A 255 0.96 -2.12 -12.70
CA GLY A 255 0.66 -1.33 -13.89
C GLY A 255 1.76 -1.32 -14.93
N GLY A 256 3.01 -1.31 -14.47
CA GLY A 256 4.12 -1.36 -15.40
C GLY A 256 4.02 -2.58 -16.29
N GLY A 257 3.75 -3.73 -15.67
CA GLY A 257 3.55 -4.96 -16.38
C GLY A 257 2.41 -4.92 -17.39
N ALA A 258 1.35 -4.17 -17.07
CA ALA A 258 0.20 -4.01 -17.97
C ALA A 258 0.55 -3.15 -19.19
N LEU A 259 1.15 -1.98 -18.96
CA LEU A 259 1.51 -1.09 -20.06
C LEU A 259 2.48 -1.77 -21.01
N SER A 260 3.54 -2.37 -20.46
CA SER A 260 4.54 -3.04 -21.27
C SER A 260 3.89 -4.20 -22.04
N ALA A 261 2.94 -4.84 -21.39
CA ALA A 261 2.25 -5.99 -21.97
C ALA A 261 1.38 -5.59 -23.17
N VAL A 262 0.56 -4.56 -22.98
CA VAL A 262 -0.29 -4.00 -24.01
C VAL A 262 0.55 -3.42 -25.13
N ALA A 263 1.66 -2.78 -24.80
CA ALA A 263 2.49 -2.20 -25.85
C ALA A 263 3.18 -3.28 -26.71
N ALA A 264 3.38 -4.46 -26.11
CA ALA A 264 4.08 -5.54 -26.78
C ALA A 264 3.14 -6.05 -27.85
N THR A 265 1.91 -5.59 -27.74
CA THR A 265 0.85 -6.16 -28.51
C THR A 265 0.68 -5.37 -29.81
N GLY A 266 1.15 -4.13 -29.82
CA GLY A 266 0.93 -3.22 -30.93
C GLY A 266 -0.27 -2.30 -30.74
N ALA A 267 -1.24 -2.75 -29.98
CA ALA A 267 -2.41 -1.94 -29.76
C ALA A 267 -2.03 -0.61 -29.10
N PRO A 268 -2.65 0.47 -29.55
CA PRO A 268 -2.35 1.81 -29.07
C PRO A 268 -3.00 2.08 -27.73
N ILE A 269 -2.21 2.50 -26.74
CA ILE A 269 -2.74 2.97 -25.47
C ILE A 269 -2.95 4.47 -25.63
N LYS A 270 -4.20 4.92 -25.46
CA LYS A 270 -4.53 6.33 -25.65
C LYS A 270 -4.68 7.13 -24.34
N PHE A 271 -5.18 6.49 -23.29
CA PHE A 271 -5.27 7.14 -21.98
C PHE A 271 -4.93 6.16 -20.90
N ILE A 272 -4.64 6.68 -19.72
CA ILE A 272 -4.50 5.85 -18.54
C ILE A 272 -5.42 6.41 -17.50
N GLY A 273 -6.04 5.52 -16.72
CA GLY A 273 -6.79 5.92 -15.54
C GLY A 273 -5.90 5.98 -14.31
N THR A 274 -6.19 6.93 -13.43
CA THR A 274 -5.24 7.43 -12.45
C THR A 274 -5.86 7.53 -11.07
N GLY A 275 -7.13 7.20 -10.97
CA GLY A 275 -7.78 7.19 -9.69
C GLY A 275 -9.28 7.15 -9.87
N GLU A 276 -9.98 7.28 -8.75
CA GLU A 276 -11.42 7.08 -8.76
C GLU A 276 -12.26 8.27 -9.23
N LYS A 277 -11.74 9.48 -9.05
CA LYS A 277 -12.42 10.69 -9.45
C LYS A 277 -12.44 10.96 -10.98
N ILE A 278 -13.44 11.73 -11.42
CA ILE A 278 -13.79 11.96 -12.83
C ILE A 278 -12.67 12.56 -13.67
N ASP A 279 -11.74 13.24 -13.01
CA ASP A 279 -10.65 13.92 -13.69
C ASP A 279 -9.39 13.05 -13.71
N ASP A 280 -9.47 11.88 -13.08
CA ASP A 280 -8.29 11.03 -12.91
C ASP A 280 -7.97 10.21 -14.14
N ILE A 281 -7.79 10.90 -15.27
CA ILE A 281 -7.44 10.29 -16.54
C ILE A 281 -6.43 11.20 -17.26
N GLU A 282 -5.42 10.62 -17.88
CA GLU A 282 -4.47 11.43 -18.63
C GLU A 282 -4.13 10.78 -19.98
N PRO A 283 -3.93 11.59 -21.03
CA PRO A 283 -3.59 10.97 -22.31
C PRO A 283 -2.22 10.32 -22.20
N PHE A 284 -2.00 9.28 -23.00
CA PHE A 284 -0.76 8.55 -22.92
C PHE A 284 0.15 8.90 -24.08
N ASP A 285 1.29 9.44 -23.72
CA ASP A 285 2.28 9.92 -24.68
C ASP A 285 3.59 9.35 -24.18
N PRO A 286 3.96 8.16 -24.68
CA PRO A 286 5.09 7.34 -24.23
C PRO A 286 6.35 8.12 -23.84
N PRO A 287 6.88 8.97 -24.75
CA PRO A 287 8.13 9.67 -24.42
C PRO A 287 8.01 10.61 -23.22
N ARG A 288 6.85 11.24 -23.05
CA ARG A 288 6.59 12.14 -21.94
C ARG A 288 6.38 11.36 -20.65
N PHE A 289 5.67 10.24 -20.77
CA PHE A 289 5.40 9.39 -19.63
C PHE A 289 6.72 8.78 -19.11
N VAL A 290 7.50 8.18 -20.01
CA VAL A 290 8.75 7.56 -19.61
C VAL A 290 9.71 8.60 -19.06
N SER A 291 9.56 9.83 -19.52
CA SER A 291 10.36 10.94 -19.02
C SER A 291 10.00 11.32 -17.57
N ARG A 292 8.71 11.40 -17.22
CA ARG A 292 8.32 11.61 -15.81
C ARG A 292 8.74 10.39 -14.97
N LEU A 293 8.48 9.20 -15.51
CA LEU A 293 8.89 7.97 -14.87
C LEU A 293 10.34 8.07 -14.40
N LEU A 294 11.27 8.31 -15.33
CA LEU A 294 12.71 8.31 -15.02
C LEU A 294 13.24 9.56 -14.28
N GLY A 295 12.35 10.51 -14.01
CA GLY A 295 12.73 11.70 -13.26
C GLY A 295 13.56 12.70 -14.04
N LEU A 296 13.43 12.65 -15.37
CA LEU A 296 14.17 13.50 -16.28
C LEU A 296 13.61 14.90 -16.30
N GLY A 297 14.49 15.87 -16.54
CA GLY A 297 14.10 17.25 -16.74
C GLY A 297 13.46 17.88 -15.52
N ASP A 298 13.86 17.41 -14.35
CA ASP A 298 13.21 17.80 -13.11
C ASP A 298 13.68 19.16 -12.60
N ILE A 299 13.40 20.20 -13.38
CA ILE A 299 13.68 21.59 -12.98
C ILE A 299 12.85 22.01 -11.76
N GLN A 300 11.64 21.48 -11.66
CA GLN A 300 10.79 21.71 -10.49
C GLN A 300 11.51 21.23 -9.23
N GLY A 301 11.99 19.99 -9.29
CA GLY A 301 12.72 19.40 -8.19
C GLY A 301 13.88 20.27 -7.73
N LEU A 302 14.62 20.80 -8.69
CA LEU A 302 15.77 21.65 -8.42
C LEU A 302 15.34 22.90 -7.67
N LEU A 303 14.17 23.42 -8.05
CA LEU A 303 13.65 24.63 -7.45
C LEU A 303 13.17 24.37 -6.03
N GLU A 304 12.56 23.21 -5.81
CA GLU A 304 12.16 22.81 -4.46
C GLU A 304 13.36 22.72 -3.53
N LYS A 305 14.46 22.21 -4.04
CA LYS A 305 15.65 22.05 -3.24
C LYS A 305 16.15 23.45 -2.83
N PHE A 306 16.16 24.38 -3.77
CA PHE A 306 16.55 25.76 -3.47
C PHE A 306 15.65 26.37 -2.44
N LYS A 307 14.34 26.30 -2.67
CA LYS A 307 13.38 26.89 -1.75
C LYS A 307 13.56 26.34 -0.34
N GLU A 308 13.76 25.03 -0.26
CA GLU A 308 13.85 24.34 1.03
C GLU A 308 15.07 24.83 1.78
N LEU A 309 16.14 24.99 1.01
CA LEU A 309 17.41 25.49 1.50
C LEU A 309 17.25 26.89 2.10
N GLU A 310 16.49 27.73 1.41
CA GLU A 310 16.29 29.11 1.85
C GLU A 310 15.50 29.20 3.14
N LYS A 311 14.59 28.26 3.35
CA LYS A 311 13.78 28.31 4.56
C LYS A 311 14.61 27.99 5.81
N GLU A 312 15.88 27.63 5.61
CA GLU A 312 16.75 27.32 6.73
C GLU A 312 17.37 28.60 7.30
N VAL A 313 16.86 29.74 6.86
CA VAL A 313 17.51 31.04 7.09
C VAL A 313 17.70 31.45 8.56
N GLU A 314 16.67 31.26 9.39
CA GLU A 314 16.77 31.62 10.81
C GLU A 314 17.86 30.83 11.53
N ILE A 315 18.17 29.64 11.00
CA ILE A 315 19.22 28.81 11.57
C ILE A 315 20.57 29.40 11.21
N LYS A 316 20.78 29.65 9.91
CA LYS A 316 22.00 30.24 9.41
C LYS A 316 22.28 31.56 10.11
N GLU A 317 21.22 32.35 10.24
CA GLU A 317 21.26 33.64 10.92
C GLU A 317 21.81 33.54 12.34
N GLU A 318 21.34 32.56 13.11
CA GLU A 318 21.80 32.39 14.47
C GLU A 318 23.21 31.84 14.53
N ASP A 319 23.62 31.13 13.47
CA ASP A 319 24.98 30.64 13.37
C ASP A 319 25.92 31.83 13.30
N ILE A 320 25.58 32.73 12.39
CA ILE A 320 26.33 33.96 12.15
C ILE A 320 26.34 34.89 13.38
N GLU A 321 25.22 35.02 14.06
CA GLU A 321 25.19 35.85 15.27
C GLU A 321 26.16 35.33 16.31
N ARG A 322 26.40 34.02 16.28
CA ARG A 322 27.41 33.40 17.14
C ARG A 322 28.81 33.85 16.72
N PHE A 323 29.02 34.00 15.41
CA PHE A 323 30.31 34.43 14.90
C PHE A 323 30.59 35.87 15.33
N LEU A 324 29.54 36.70 15.31
CA LEU A 324 29.65 38.11 15.65
C LEU A 324 30.17 38.30 17.06
N ARG A 325 29.76 37.41 17.96
CA ARG A 325 30.22 37.44 19.34
C ARG A 325 31.54 36.67 19.47
N GLY A 326 32.15 36.38 18.32
CA GLY A 326 33.45 35.72 18.29
C GLY A 326 33.43 34.23 18.55
N LYS A 327 32.24 33.66 18.72
CA LYS A 327 32.09 32.22 18.87
C LYS A 327 32.13 31.53 17.51
N PHE A 328 33.29 31.60 16.88
CA PHE A 328 33.52 31.05 15.54
C PHE A 328 34.69 30.09 15.67
N THR A 329 34.56 28.91 15.08
CA THR A 329 35.54 27.85 15.30
C THR A 329 36.14 27.34 14.01
N LEU A 330 37.15 26.49 14.17
CA LEU A 330 37.81 25.84 13.04
C LEU A 330 36.84 24.95 12.30
N LYS A 331 35.82 24.50 13.00
CA LYS A 331 34.78 23.69 12.38
C LYS A 331 33.91 24.58 11.49
N ASP A 332 33.52 25.72 12.02
CA ASP A 332 32.78 26.73 11.25
C ASP A 332 33.52 27.16 9.97
N MET A 333 34.84 27.35 10.07
CA MET A 333 35.65 27.70 8.91
C MET A 333 35.78 26.52 7.93
N TYR A 334 36.18 25.37 8.45
CA TYR A 334 36.22 24.11 7.70
C TYR A 334 35.02 24.00 6.78
N ALA A 335 33.86 24.42 7.29
CA ALA A 335 32.60 24.34 6.57
C ALA A 335 32.43 25.48 5.56
N GLN A 336 32.65 26.72 6.00
CA GLN A 336 32.61 27.85 5.10
C GLN A 336 33.35 27.52 3.81
N LEU A 337 34.60 27.09 3.94
CA LEU A 337 35.41 26.75 2.78
C LEU A 337 34.80 25.60 2.00
N GLU A 338 34.52 24.50 2.69
CA GLU A 338 33.94 23.31 2.05
C GLU A 338 32.77 23.68 1.15
N ALA A 339 31.96 24.63 1.59
CA ALA A 339 30.83 25.11 0.81
C ALA A 339 31.28 25.96 -0.37
N MET A 340 32.31 26.76 -0.16
CA MET A 340 32.81 27.66 -1.20
C MET A 340 33.28 26.89 -2.42
N ARG A 341 34.03 25.82 -2.21
CA ARG A 341 34.57 25.04 -3.33
C ARG A 341 33.51 24.13 -3.96
N LYS A 342 32.44 23.87 -3.21
CA LYS A 342 31.27 23.18 -3.74
C LYS A 342 30.23 24.22 -4.17
N MET A 343 30.70 25.31 -4.75
CA MET A 343 29.82 26.41 -5.17
C MET A 343 30.13 26.85 -6.61
N GLY A 344 30.99 26.09 -7.29
CA GLY A 344 31.35 26.37 -8.67
C GLY A 344 31.09 25.22 -9.61
N PRO A 345 30.10 25.37 -10.51
CA PRO A 345 29.29 26.58 -10.66
C PRO A 345 28.36 26.82 -9.48
N ILE A 365 37.32 36.87 0.71
CA ILE A 365 38.29 35.91 1.26
C ILE A 365 38.15 34.54 0.65
N SER A 366 38.89 34.29 -0.43
CA SER A 366 38.87 33.00 -1.12
C SER A 366 40.25 32.33 -1.14
N ILE A 367 40.30 31.07 -0.71
CA ILE A 367 41.58 30.37 -0.53
C ILE A 367 42.21 29.88 -1.84
N GLY A 368 41.48 29.06 -2.59
CA GLY A 368 42.00 28.42 -3.77
C GLY A 368 42.01 26.91 -3.62
N GLU A 369 41.59 26.21 -4.66
CA GLU A 369 41.31 24.77 -4.57
C GLU A 369 42.41 23.94 -3.90
N GLU A 370 43.65 24.10 -4.35
CA GLU A 370 44.73 23.30 -3.79
C GLU A 370 44.98 23.64 -2.33
N ARG A 371 44.99 24.94 -2.03
CA ARG A 371 45.26 25.43 -0.68
C ARG A 371 44.19 24.96 0.31
N LEU A 372 42.94 24.92 -0.15
CA LEU A 372 41.85 24.42 0.66
C LEU A 372 41.96 22.91 0.88
N LYS A 373 42.36 22.19 -0.17
CA LYS A 373 42.55 20.75 -0.08
C LYS A 373 43.63 20.46 0.94
N LYS A 374 44.62 21.34 1.02
CA LYS A 374 45.68 21.23 2.02
C LYS A 374 45.14 21.58 3.40
N PHE A 375 44.31 22.62 3.45
CA PHE A 375 43.71 23.08 4.70
C PHE A 375 42.89 21.98 5.37
N LYS A 376 42.11 21.26 4.56
CA LYS A 376 41.31 20.17 5.09
C LYS A 376 42.24 19.12 5.69
N VAL A 377 43.24 18.70 4.92
CA VAL A 377 44.20 17.71 5.38
C VAL A 377 44.79 18.05 6.75
N ILE A 378 45.03 19.34 6.99
CA ILE A 378 45.61 19.77 8.25
C ILE A 378 44.60 19.62 9.39
N MET A 379 43.38 20.08 9.17
CA MET A 379 42.33 20.00 10.19
C MET A 379 41.96 18.55 10.54
N ASP A 380 42.11 17.64 9.58
CA ASP A 380 41.87 16.23 9.80
C ASP A 380 42.92 15.65 10.72
N SER A 381 43.90 16.46 11.08
CA SER A 381 44.94 16.02 11.99
C SER A 381 44.80 16.75 13.31
N MET A 382 43.78 17.60 13.39
CA MET A 382 43.48 18.28 14.63
C MET A 382 42.46 17.45 15.42
N THR A 383 42.43 17.67 16.73
CA THR A 383 41.46 16.99 17.58
C THR A 383 40.22 17.84 17.67
N GLU A 384 39.19 17.28 18.30
CA GLU A 384 37.92 17.96 18.44
C GLU A 384 38.13 19.23 19.24
N GLU A 385 38.80 19.10 20.39
CA GLU A 385 38.99 20.22 21.29
C GLU A 385 39.74 21.37 20.62
N GLU A 386 40.66 21.02 19.72
CA GLU A 386 41.37 22.01 18.92
C GLU A 386 40.45 22.68 17.90
N LEU A 387 39.70 21.89 17.15
CA LEU A 387 38.75 22.45 16.19
C LEU A 387 37.73 23.36 16.89
N LEU A 388 37.39 23.04 18.13
CA LEU A 388 36.33 23.78 18.81
C LEU A 388 36.87 24.98 19.59
N ASN A 389 38.15 24.92 19.97
CA ASN A 389 38.83 26.01 20.66
C ASN A 389 40.22 26.17 20.10
N PRO A 390 40.34 26.91 19.00
CA PRO A 390 41.64 27.09 18.34
C PRO A 390 42.64 27.80 19.26
N GLU A 391 42.15 28.78 20.00
CA GLU A 391 42.89 29.49 21.06
C GLU A 391 43.88 28.60 21.82
N ILE A 392 43.49 27.36 22.08
CA ILE A 392 44.35 26.45 22.83
C ILE A 392 45.53 25.92 22.02
N ILE A 393 45.52 26.15 20.70
CA ILE A 393 46.55 25.56 19.85
C ILE A 393 47.92 26.22 20.03
N ASN A 394 48.66 25.76 21.03
CA ASN A 394 50.01 26.26 21.29
C ASN A 394 51.01 25.75 20.25
N TYR A 395 52.30 25.89 20.52
CA TYR A 395 53.28 25.54 19.50
C TYR A 395 53.55 24.03 19.38
N SER A 396 53.64 23.32 20.51
CA SER A 396 53.91 21.88 20.43
C SER A 396 52.76 21.16 19.73
N ARG A 397 51.55 21.67 19.94
CA ARG A 397 50.36 21.18 19.25
C ARG A 397 50.51 21.36 17.74
N ILE A 398 50.94 22.55 17.33
CA ILE A 398 51.17 22.84 15.93
C ILE A 398 52.18 21.87 15.30
N LYS A 399 53.22 21.54 16.04
CA LYS A 399 54.22 20.62 15.51
C LYS A 399 53.63 19.20 15.45
N ARG A 400 52.68 18.89 16.34
CA ARG A 400 51.96 17.60 16.26
C ARG A 400 51.03 17.61 15.05
N ILE A 401 50.22 18.67 14.95
CA ILE A 401 49.32 18.83 13.83
C ILE A 401 50.07 18.71 12.49
N ALA A 402 51.17 19.46 12.38
CA ALA A 402 51.99 19.45 11.17
C ALA A 402 52.51 18.05 10.86
N ARG A 403 53.04 17.39 11.88
CA ARG A 403 53.53 16.02 11.74
C ARG A 403 52.41 15.04 11.36
N GLY A 404 51.28 15.13 12.06
CA GLY A 404 50.13 14.28 11.81
C GLY A 404 49.45 14.47 10.46
N SER A 405 49.58 15.65 9.87
CA SER A 405 48.95 15.94 8.59
C SER A 405 49.92 15.78 7.43
N GLY A 406 51.18 15.53 7.75
CA GLY A 406 52.22 15.39 6.74
C GLY A 406 52.49 16.69 6.01
N THR A 407 52.35 17.80 6.73
CA THR A 407 52.62 19.12 6.18
C THR A 407 53.66 19.79 7.06
N SER A 408 53.83 21.10 6.90
CA SER A 408 54.83 21.84 7.67
C SER A 408 54.18 22.65 8.77
N THR A 409 54.99 23.09 9.74
CA THR A 409 54.49 23.98 10.77
C THR A 409 54.14 25.32 10.13
N LYS A 410 54.72 25.58 8.97
CA LYS A 410 54.42 26.81 8.25
C LYS A 410 52.97 26.76 7.78
N ASP A 411 52.64 25.72 7.00
CA ASP A 411 51.27 25.51 6.55
C ASP A 411 50.26 25.63 7.69
N VAL A 412 50.58 25.01 8.83
CA VAL A 412 49.68 25.01 9.98
C VAL A 412 49.42 26.42 10.47
N LYS A 413 50.48 27.23 10.58
CA LYS A 413 50.34 28.61 11.03
C LYS A 413 49.62 29.43 9.97
N GLU A 414 49.75 29.00 8.72
CA GLU A 414 49.04 29.63 7.61
C GLU A 414 47.55 29.48 7.82
N LEU A 415 47.09 28.22 7.83
CA LEU A 415 45.69 27.90 8.13
C LEU A 415 45.18 28.67 9.34
N LEU A 416 45.93 28.66 10.44
CA LEU A 416 45.51 29.37 11.64
C LEU A 416 45.34 30.86 11.38
N ASP A 417 46.23 31.42 10.56
CA ASP A 417 46.17 32.84 10.25
C ASP A 417 44.86 33.10 9.53
N GLN A 418 44.59 32.30 8.51
CA GLN A 418 43.32 32.38 7.79
C GLN A 418 42.14 32.37 8.75
N TYR A 419 42.20 31.48 9.73
CA TYR A 419 41.13 31.37 10.72
C TYR A 419 41.01 32.68 11.49
N ARG A 420 42.10 33.09 12.14
CA ARG A 420 42.14 34.32 12.92
C ARG A 420 41.65 35.51 12.09
N GLN A 421 41.97 35.50 10.80
CA GLN A 421 41.53 36.56 9.89
C GLN A 421 40.00 36.57 9.83
N MET A 422 39.42 35.45 9.40
CA MET A 422 37.98 35.32 9.28
C MET A 422 37.28 35.57 10.61
N LYS A 423 37.91 35.15 11.70
CA LYS A 423 37.34 35.34 13.01
C LYS A 423 37.26 36.81 13.37
N LYS A 424 38.32 37.57 13.05
CA LYS A 424 38.36 39.01 13.32
C LYS A 424 37.23 39.73 12.56
N LEU A 425 37.13 39.43 11.27
CA LEU A 425 36.03 39.90 10.44
C LEU A 425 34.67 39.81 11.15
N PHE A 426 34.21 38.58 11.40
CA PHE A 426 32.89 38.36 12.00
C PHE A 426 32.74 39.06 13.34
N LYS A 427 33.73 38.90 14.21
CA LYS A 427 33.67 39.48 15.56
C LYS A 427 33.41 40.98 15.46
N SER A 428 33.86 41.58 14.36
CA SER A 428 33.73 43.01 14.13
C SER A 428 32.79 43.28 12.95
N MET A 429 31.53 42.90 13.08
CA MET A 429 30.59 43.15 12.00
C MET A 429 29.34 43.89 12.42
N ASN A 430 28.89 44.77 11.53
CA ASN A 430 27.75 45.67 11.72
C ASN A 430 26.62 45.19 12.61
N LYS A 431 26.40 43.88 12.67
CA LYS A 431 25.25 43.30 13.35
C LYS A 431 23.97 43.75 12.66
N ARG A 432 24.12 44.26 11.44
CA ARG A 432 23.00 44.70 10.62
C ARG A 432 23.26 44.36 9.15
N GLN A 433 23.00 43.12 8.78
CA GLN A 433 23.17 42.66 7.41
C GLN A 433 22.40 41.35 7.18
N LEU A 434 22.83 40.57 6.19
CA LEU A 434 22.17 39.31 5.89
C LEU A 434 23.01 38.43 4.95
N SER A 435 23.49 37.31 5.49
CA SER A 435 24.26 36.34 4.70
C SER A 435 23.51 35.00 4.62
N MET B 1 -7.11 -7.72 5.51
CA MET B 1 -7.15 -6.40 4.89
C MET B 1 -7.26 -5.31 5.97
N VAL B 2 -8.17 -5.51 6.91
CA VAL B 2 -8.57 -4.47 7.85
C VAL B 2 -7.68 -4.47 9.09
N LEU B 3 -6.89 -3.41 9.25
CA LEU B 3 -5.97 -3.30 10.38
C LEU B 3 -4.93 -4.42 10.30
N ASP B 4 -4.84 -4.98 9.10
CA ASP B 4 -3.67 -5.69 8.56
C ASP B 4 -2.48 -5.91 9.47
N ASN B 5 -1.54 -4.98 9.38
CA ASN B 5 -0.26 -5.07 10.04
C ASN B 5 -0.33 -4.80 11.53
N LEU B 6 -1.31 -4.00 11.96
CA LEU B 6 -1.49 -3.76 13.41
C LEU B 6 -1.77 -5.11 14.08
N GLY B 7 -2.65 -5.88 13.44
CA GLY B 7 -3.02 -7.22 13.89
C GLY B 7 -1.82 -8.11 14.04
N LYS B 8 -1.03 -8.23 12.99
CA LYS B 8 0.18 -9.05 13.06
C LYS B 8 1.13 -8.57 14.14
N ALA B 9 1.28 -7.26 14.32
CA ALA B 9 2.25 -6.75 15.29
C ALA B 9 1.83 -7.11 16.71
N LEU B 10 0.56 -6.93 17.01
CA LEU B 10 -0.01 -7.33 18.28
C LEU B 10 0.00 -8.85 18.49
N ALA B 11 -0.47 -9.58 17.49
CA ALA B 11 -0.46 -11.04 17.55
C ALA B 11 0.95 -11.56 17.83
N ASN B 12 1.97 -10.86 17.35
CA ASN B 12 3.33 -11.36 17.54
C ASN B 12 3.80 -11.15 18.96
N THR B 13 3.31 -10.11 19.62
CA THR B 13 3.75 -9.90 21.00
C THR B 13 3.23 -11.04 21.87
N LEU B 14 2.07 -11.58 21.52
CA LEU B 14 1.47 -12.68 22.27
C LEU B 14 2.18 -14.00 22.02
N LYS B 15 2.49 -14.29 20.76
CA LYS B 15 3.34 -15.43 20.43
C LYS B 15 4.65 -15.37 21.22
N LYS B 16 5.23 -14.18 21.33
CA LYS B 16 6.50 -14.02 22.03
C LYS B 16 6.33 -14.33 23.52
N ILE B 17 5.16 -14.08 24.05
CA ILE B 17 4.89 -14.37 25.45
C ILE B 17 4.63 -15.85 25.68
N ALA B 18 3.91 -16.47 24.75
CA ALA B 18 3.68 -17.89 24.79
C ALA B 18 5.00 -18.63 24.70
N ARG B 19 5.89 -18.11 23.85
CA ARG B 19 7.16 -18.75 23.57
C ARG B 19 8.24 -18.41 24.60
N ALA B 20 7.92 -17.51 25.51
CA ALA B 20 8.92 -17.02 26.45
C ALA B 20 9.47 -18.15 27.31
N SER B 21 10.78 -18.16 27.51
CA SER B 21 11.43 -19.10 28.41
C SER B 21 10.82 -18.97 29.80
N SER B 22 10.96 -17.78 30.40
CA SER B 22 10.34 -17.50 31.69
C SER B 22 9.74 -16.10 31.66
N VAL B 23 8.85 -15.82 32.61
CA VAL B 23 8.20 -14.51 32.66
C VAL B 23 8.82 -13.57 33.70
N ASP B 24 9.93 -12.92 33.36
CA ASP B 24 10.48 -11.91 34.24
C ASP B 24 9.89 -10.55 33.90
N GLU B 25 10.42 -9.52 34.54
CA GLU B 25 9.89 -8.17 34.36
C GLU B 25 10.38 -7.56 33.04
N ALA B 26 11.47 -8.08 32.52
CA ALA B 26 11.99 -7.60 31.26
C ALA B 26 11.19 -8.16 30.06
N LEU B 27 10.42 -9.21 30.30
CA LEU B 27 9.57 -9.75 29.26
C LEU B 27 8.30 -8.89 29.20
N ILE B 28 7.95 -8.28 30.31
CA ILE B 28 6.81 -7.37 30.35
C ILE B 28 7.16 -6.01 29.74
N LYS B 29 8.39 -5.56 29.95
CA LYS B 29 8.84 -4.28 29.45
C LYS B 29 8.97 -4.36 27.93
N GLU B 30 9.35 -5.53 27.43
CA GLU B 30 9.50 -5.68 25.99
C GLU B 30 8.13 -5.81 25.30
N LEU B 31 7.21 -6.46 25.99
CA LEU B 31 5.84 -6.58 25.55
C LEU B 31 5.18 -5.20 25.48
N VAL B 32 5.34 -4.45 26.56
CA VAL B 32 4.77 -3.11 26.66
C VAL B 32 5.38 -2.19 25.60
N ARG B 33 6.65 -2.39 25.31
CA ARG B 33 7.34 -1.60 24.32
C ARG B 33 6.92 -2.01 22.91
N ASP B 34 6.77 -3.31 22.72
CA ASP B 34 6.33 -3.83 21.43
C ASP B 34 4.92 -3.34 21.10
N ILE B 35 4.07 -3.24 22.11
CA ILE B 35 2.69 -2.81 21.90
C ILE B 35 2.60 -1.32 21.60
N GLN B 36 3.38 -0.52 22.31
CA GLN B 36 3.46 0.92 22.07
C GLN B 36 3.90 1.21 20.64
N ARG B 37 4.91 0.49 20.17
CA ARG B 37 5.37 0.64 18.79
C ARG B 37 4.31 0.32 17.74
N ALA B 38 3.59 -0.78 17.92
CA ALA B 38 2.51 -1.17 17.01
C ALA B 38 1.39 -0.15 16.99
N LEU B 39 1.03 0.33 18.16
CA LEU B 39 -0.09 1.25 18.28
C LEU B 39 0.28 2.62 17.72
N ILE B 40 1.45 3.15 18.09
CA ILE B 40 1.87 4.44 17.59
C ILE B 40 1.92 4.42 16.06
N GLN B 41 2.38 3.32 15.52
CA GLN B 41 2.45 3.18 14.06
C GLN B 41 1.08 3.12 13.38
N ALA B 42 0.04 2.69 14.09
CA ALA B 42 -1.31 2.67 13.55
C ALA B 42 -1.99 4.00 13.80
N ASP B 43 -1.20 5.01 14.16
CA ASP B 43 -1.72 6.36 14.39
C ASP B 43 -2.62 6.48 15.63
N VAL B 44 -2.48 5.56 16.59
CA VAL B 44 -3.17 5.77 17.87
C VAL B 44 -2.58 6.98 18.60
N ASN B 45 -3.45 7.80 19.20
CA ASN B 45 -2.97 8.91 20.02
C ASN B 45 -1.96 8.46 21.08
N VAL B 46 -0.81 9.11 21.12
CA VAL B 46 0.31 8.65 21.94
C VAL B 46 -0.01 8.66 23.44
N ARG B 47 -0.75 9.67 23.90
CA ARG B 47 -1.20 9.70 25.30
C ARG B 47 -2.10 8.50 25.62
N LEU B 48 -2.99 8.16 24.69
CA LEU B 48 -3.82 6.97 24.90
C LEU B 48 -2.93 5.74 25.06
N VAL B 49 -1.93 5.64 24.21
CA VAL B 49 -1.05 4.49 24.19
C VAL B 49 -0.32 4.35 25.52
N LEU B 50 0.18 5.47 26.06
CA LEU B 50 0.78 5.47 27.39
C LEU B 50 -0.18 4.92 28.42
N GLN B 51 -1.36 5.50 28.44
CA GLN B 51 -2.40 5.15 29.39
C GLN B 51 -2.76 3.66 29.33
N LEU B 52 -2.94 3.14 28.11
CA LEU B 52 -3.28 1.73 27.93
C LEU B 52 -2.10 0.86 28.29
N THR B 53 -0.92 1.30 27.88
CA THR B 53 0.24 0.44 27.95
C THR B 53 0.82 0.41 29.37
N ARG B 54 0.50 1.43 30.15
CA ARG B 54 0.90 1.47 31.55
C ARG B 54 0.04 0.53 32.38
N GLU B 55 -1.27 0.61 32.18
CA GLU B 55 -2.21 -0.27 32.84
C GLU B 55 -1.89 -1.75 32.56
N ILE B 56 -1.60 -2.06 31.32
CA ILE B 56 -1.17 -3.40 30.95
C ILE B 56 0.10 -3.82 31.70
N GLN B 57 1.04 -2.89 31.85
CA GLN B 57 2.29 -3.18 32.56
C GLN B 57 2.03 -3.46 34.04
N ARG B 58 1.26 -2.57 34.67
CA ARG B 58 0.90 -2.71 36.07
C ARG B 58 0.17 -4.02 36.31
N ARG B 59 -0.97 -4.18 35.65
CA ARG B 59 -1.80 -5.36 35.83
C ARG B 59 -0.99 -6.64 35.69
N ALA B 60 0.11 -6.59 34.97
CA ALA B 60 0.89 -7.79 34.70
C ALA B 60 2.01 -7.98 35.71
N LEU B 61 2.53 -6.86 36.20
CA LEU B 61 3.59 -6.90 37.21
C LEU B 61 3.05 -7.27 38.58
N GLU B 62 1.87 -6.75 38.91
CA GLU B 62 1.38 -6.84 40.28
C GLU B 62 0.04 -7.56 40.38
N GLU B 63 -0.11 -8.63 39.61
CA GLU B 63 -1.36 -9.38 39.66
C GLU B 63 -1.09 -10.87 39.63
N LYS B 64 -1.67 -11.61 40.57
CA LYS B 64 -1.44 -13.05 40.68
C LYS B 64 -2.46 -13.82 39.85
N PRO B 65 -1.98 -14.70 38.96
CA PRO B 65 -2.89 -15.49 38.11
C PRO B 65 -3.83 -16.34 38.96
N PRO B 66 -5.13 -16.36 38.64
CA PRO B 66 -6.06 -17.23 39.35
C PRO B 66 -5.54 -18.66 39.43
N ALA B 67 -6.20 -19.50 40.23
CA ALA B 67 -5.72 -20.87 40.44
C ALA B 67 -5.74 -21.70 39.16
N GLY B 68 -4.59 -22.32 38.86
CA GLY B 68 -4.48 -23.18 37.71
C GLY B 68 -4.09 -22.47 36.42
N ILE B 69 -3.85 -21.16 36.53
CA ILE B 69 -3.44 -20.34 35.40
C ILE B 69 -1.98 -19.94 35.60
N SER B 70 -1.15 -20.10 34.58
CA SER B 70 0.23 -19.62 34.65
C SER B 70 0.32 -18.10 34.49
N LYS B 71 1.51 -17.54 34.74
CA LYS B 71 1.74 -16.11 34.55
C LYS B 71 1.58 -15.77 33.09
N LYS B 72 2.08 -16.66 32.24
CA LYS B 72 2.01 -16.52 30.80
C LYS B 72 0.57 -16.35 30.35
N GLU B 73 -0.29 -17.29 30.74
CA GLU B 73 -1.66 -17.28 30.28
C GLU B 73 -2.42 -16.07 30.79
N HIS B 74 -1.96 -15.53 31.92
CA HIS B 74 -2.65 -14.40 32.48
C HIS B 74 -2.26 -13.10 31.79
N ILE B 75 -1.00 -13.05 31.33
CA ILE B 75 -0.54 -11.93 30.52
C ILE B 75 -1.36 -11.88 29.24
N ILE B 76 -1.51 -13.03 28.58
CA ILE B 76 -2.31 -13.06 27.37
C ILE B 76 -3.70 -12.54 27.67
N LYS B 77 -4.25 -12.93 28.82
CA LYS B 77 -5.63 -12.57 29.14
C LYS B 77 -5.72 -11.07 29.41
N ILE B 78 -4.69 -10.53 30.04
CA ILE B 78 -4.62 -9.11 30.31
C ILE B 78 -4.60 -8.29 29.00
N VAL B 79 -3.62 -8.58 28.15
CA VAL B 79 -3.54 -7.90 26.87
C VAL B 79 -4.89 -7.93 26.15
N TYR B 80 -5.53 -9.09 26.13
CA TYR B 80 -6.78 -9.20 25.40
C TYR B 80 -7.91 -8.38 26.00
N GLU B 81 -8.04 -8.36 27.32
CA GLU B 81 -9.14 -7.59 27.90
C GLU B 81 -8.89 -6.07 27.88
N GLU B 82 -7.65 -5.65 28.03
CA GLU B 82 -7.32 -4.23 27.88
C GLU B 82 -7.62 -3.71 26.47
N LEU B 83 -7.16 -4.42 25.43
CA LEU B 83 -7.45 -4.02 24.06
C LEU B 83 -8.96 -3.98 23.78
N THR B 84 -9.67 -4.98 24.29
CA THR B 84 -11.13 -4.98 24.19
C THR B 84 -11.75 -3.72 24.80
N LYS B 85 -11.41 -3.39 26.04
CA LYS B 85 -11.96 -2.17 26.66
C LYS B 85 -11.48 -0.94 25.89
N PHE B 86 -10.24 -1.01 25.43
CA PHE B 86 -9.65 0.06 24.62
C PHE B 86 -10.47 0.38 23.39
N LEU B 87 -11.04 -0.65 22.76
CA LEU B 87 -11.80 -0.45 21.53
C LEU B 87 -13.31 -0.42 21.71
N GLY B 88 -13.78 -0.11 22.91
CA GLY B 88 -15.22 -0.04 23.15
C GLY B 88 -15.81 -1.04 24.13
N THR B 89 -15.11 -2.13 24.39
CA THR B 89 -15.47 -3.04 25.50
C THR B 89 -16.55 -4.04 25.15
N GLU B 90 -17.69 -3.57 24.65
CA GLU B 90 -18.81 -4.45 24.30
C GLU B 90 -19.67 -3.89 23.16
N ALA B 91 -20.33 -4.78 22.42
CA ALA B 91 -21.18 -4.40 21.29
C ALA B 91 -22.41 -3.61 21.75
N LYS B 92 -22.80 -2.61 20.96
CA LYS B 92 -24.02 -1.83 21.22
C LYS B 92 -24.81 -1.73 19.93
N PRO B 93 -25.64 -2.73 19.64
CA PRO B 93 -26.33 -2.82 18.35
C PRO B 93 -27.40 -1.75 18.18
N ILE B 94 -27.83 -1.54 16.93
CA ILE B 94 -28.95 -0.65 16.67
C ILE B 94 -30.19 -1.38 17.09
N GLU B 95 -31.13 -0.67 17.69
CA GLU B 95 -32.36 -1.30 18.12
C GLU B 95 -33.52 -0.94 17.22
N ILE B 96 -34.12 -1.97 16.62
CA ILE B 96 -35.29 -1.82 15.81
C ILE B 96 -36.48 -2.28 16.63
N LYS B 97 -37.29 -1.34 17.08
CA LYS B 97 -38.46 -1.72 17.88
C LYS B 97 -39.66 -0.95 17.35
N GLU B 98 -39.49 0.35 17.19
CA GLU B 98 -40.55 1.19 16.69
C GLU B 98 -40.89 0.80 15.27
N LYS B 99 -42.11 1.08 14.85
CA LYS B 99 -42.37 1.09 13.43
C LYS B 99 -41.56 2.29 12.96
N PRO B 100 -41.65 2.66 11.68
CA PRO B 100 -40.46 3.31 11.12
C PRO B 100 -39.39 3.66 12.16
N THR B 101 -38.46 2.74 12.42
CA THR B 101 -37.26 3.11 13.15
C THR B 101 -36.50 4.00 12.17
N ILE B 102 -36.25 5.25 12.54
CA ILE B 102 -35.62 6.18 11.61
C ILE B 102 -34.16 6.44 11.94
N LEU B 103 -33.30 6.26 10.94
CA LEU B 103 -31.87 6.49 11.13
C LEU B 103 -31.44 7.69 10.33
N LEU B 104 -30.87 8.69 10.99
CA LEU B 104 -30.33 9.86 10.32
C LEU B 104 -28.81 9.72 10.16
N MET B 105 -28.35 9.80 8.91
CA MET B 105 -26.94 9.61 8.57
C MET B 105 -26.29 10.94 8.21
N VAL B 106 -25.19 11.27 8.88
CA VAL B 106 -24.50 12.50 8.58
C VAL B 106 -23.03 12.18 8.36
N GLY B 107 -22.30 13.11 7.77
CA GLY B 107 -20.90 12.89 7.43
C GLY B 107 -20.39 14.02 6.56
N ILE B 108 -19.07 14.17 6.47
CA ILE B 108 -18.54 15.17 5.57
C ILE B 108 -18.20 14.50 4.25
N GLN B 109 -18.06 15.30 3.21
CA GLN B 109 -17.79 14.75 1.88
C GLN B 109 -16.55 13.85 1.94
N GLY B 110 -16.63 12.70 1.27
CA GLY B 110 -15.53 11.75 1.18
C GLY B 110 -15.38 10.78 2.35
N SER B 111 -16.14 10.99 3.41
CA SER B 111 -16.16 10.07 4.55
C SER B 111 -16.70 8.69 4.16
N GLY B 112 -17.33 8.60 2.99
CA GLY B 112 -17.96 7.37 2.57
C GLY B 112 -19.43 7.28 3.00
N LYS B 113 -20.07 8.42 3.27
CA LYS B 113 -21.41 8.37 3.83
C LYS B 113 -22.45 7.73 2.91
N THR B 114 -22.52 8.20 1.66
CA THR B 114 -23.52 7.72 0.69
C THR B 114 -23.42 6.21 0.43
N THR B 115 -22.20 5.71 0.26
CA THR B 115 -22.00 4.28 0.13
C THR B 115 -22.53 3.58 1.37
N THR B 116 -22.23 4.18 2.53
CA THR B 116 -22.57 3.58 3.81
C THR B 116 -24.07 3.52 4.02
N VAL B 117 -24.77 4.59 3.61
CA VAL B 117 -26.24 4.57 3.61
C VAL B 117 -26.73 3.31 2.89
N ALA B 118 -26.16 3.04 1.72
CA ALA B 118 -26.55 1.88 0.92
C ALA B 118 -26.19 0.55 1.58
N LYS B 119 -24.94 0.41 2.04
CA LYS B 119 -24.52 -0.84 2.65
C LYS B 119 -25.45 -1.22 3.80
N LEU B 120 -25.89 -0.21 4.53
CA LEU B 120 -26.68 -0.42 5.74
C LEU B 120 -28.11 -0.77 5.40
N ALA B 121 -28.70 -0.04 4.45
CA ALA B 121 -30.00 -0.47 3.89
C ALA B 121 -29.98 -1.97 3.53
N ARG B 122 -28.96 -2.35 2.75
CA ARG B 122 -28.77 -3.73 2.34
C ARG B 122 -28.65 -4.65 3.53
N TYR B 123 -27.89 -4.23 4.55
CA TYR B 123 -27.70 -5.03 5.75
C TYR B 123 -29.05 -5.48 6.35
N PHE B 124 -29.99 -4.55 6.44
CA PHE B 124 -31.29 -4.80 7.03
C PHE B 124 -32.22 -5.53 6.07
N GLN B 125 -32.34 -5.00 4.86
CA GLN B 125 -33.14 -5.66 3.84
C GLN B 125 -32.77 -7.15 3.76
N LYS B 126 -31.48 -7.44 3.70
CA LYS B 126 -31.02 -8.81 3.58
C LYS B 126 -31.57 -9.68 4.73
N ARG B 127 -31.98 -9.03 5.82
CA ARG B 127 -32.40 -9.73 7.03
C ARG B 127 -33.92 -9.78 7.19
N GLY B 128 -34.63 -9.36 6.15
CA GLY B 128 -36.08 -9.47 6.12
C GLY B 128 -36.82 -8.15 6.23
N TYR B 129 -36.15 -7.07 6.58
CA TYR B 129 -36.83 -5.81 6.80
C TYR B 129 -37.17 -5.12 5.50
N LYS B 130 -38.25 -4.35 5.51
CA LYS B 130 -38.55 -3.46 4.41
C LYS B 130 -37.88 -2.12 4.71
N VAL B 131 -37.07 -1.66 3.77
CA VAL B 131 -36.24 -0.48 3.97
C VAL B 131 -36.54 0.54 2.90
N GLY B 132 -36.52 1.80 3.29
CA GLY B 132 -36.61 2.88 2.32
C GLY B 132 -35.60 3.95 2.68
N VAL B 133 -34.89 4.48 1.68
CA VAL B 133 -33.96 5.54 1.98
C VAL B 133 -34.43 6.84 1.41
N VAL B 134 -34.28 7.89 2.20
CA VAL B 134 -34.62 9.23 1.79
C VAL B 134 -33.33 9.97 1.50
N CYS B 135 -33.14 10.39 0.26
CA CYS B 135 -31.98 11.18 -0.05
C CYS B 135 -32.29 12.66 0.08
N SER B 136 -31.88 13.26 1.19
CA SER B 136 -32.04 14.69 1.38
C SER B 136 -30.71 15.41 1.20
N ASP B 137 -29.80 14.77 0.46
CA ASP B 137 -28.47 15.32 0.18
C ASP B 137 -28.48 16.33 -0.97
N THR B 138 -28.74 17.59 -0.62
CA THR B 138 -28.79 18.69 -1.57
C THR B 138 -27.41 19.26 -1.85
N TRP B 139 -26.42 18.85 -1.06
CA TRP B 139 -25.08 19.46 -1.14
C TRP B 139 -24.26 18.87 -2.29
N ARG B 140 -24.27 17.56 -2.43
CA ARG B 140 -23.69 16.95 -3.62
C ARG B 140 -24.69 16.05 -4.36
N PRO B 141 -25.63 16.67 -5.08
CA PRO B 141 -26.51 15.89 -5.97
C PRO B 141 -25.70 15.06 -6.98
N GLY B 142 -26.17 13.83 -7.17
CA GLY B 142 -25.37 12.78 -7.73
C GLY B 142 -25.47 11.71 -6.68
N ALA B 143 -25.69 12.14 -5.45
CA ALA B 143 -25.87 11.23 -4.33
C ALA B 143 -27.14 10.42 -4.56
N TYR B 144 -28.20 11.11 -5.02
CA TYR B 144 -29.45 10.43 -5.35
C TYR B 144 -29.30 9.29 -6.39
N HIS B 145 -28.67 9.58 -7.54
CA HIS B 145 -28.41 8.52 -8.54
C HIS B 145 -27.39 7.50 -8.06
N GLN B 146 -26.51 7.90 -7.15
CA GLN B 146 -25.58 6.95 -6.58
C GLN B 146 -26.34 5.92 -5.76
N LEU B 147 -27.37 6.38 -5.06
CA LEU B 147 -28.15 5.47 -4.24
C LEU B 147 -29.02 4.57 -5.12
N ARG B 148 -29.56 5.14 -6.20
CA ARG B 148 -30.23 4.36 -7.26
C ARG B 148 -29.31 3.27 -7.80
N GLN B 149 -28.11 3.70 -8.20
CA GLN B 149 -27.12 2.80 -8.74
C GLN B 149 -26.85 1.62 -7.83
N LEU B 150 -26.63 1.91 -6.55
CA LEU B 150 -26.24 0.89 -5.58
C LEU B 150 -27.43 0.05 -5.15
N LEU B 151 -28.60 0.67 -5.10
CA LEU B 151 -29.76 0.05 -4.46
C LEU B 151 -30.83 -0.58 -5.34
N ASP B 152 -30.91 -0.19 -6.61
CA ASP B 152 -32.02 -0.69 -7.45
C ASP B 152 -32.12 -2.20 -7.58
N ARG B 153 -30.98 -2.87 -7.71
CA ARG B 153 -30.98 -4.33 -7.84
C ARG B 153 -31.53 -5.04 -6.61
N TYR B 154 -31.86 -4.28 -5.56
CA TYR B 154 -32.44 -4.86 -4.34
C TYR B 154 -33.87 -4.37 -4.13
N HIS B 155 -34.34 -3.51 -5.03
CA HIS B 155 -35.70 -3.00 -4.99
C HIS B 155 -35.94 -2.32 -3.67
N ILE B 156 -34.89 -1.69 -3.15
CA ILE B 156 -34.96 -0.84 -1.98
C ILE B 156 -35.38 0.57 -2.42
N GLU B 157 -36.55 1.00 -1.96
CA GLU B 157 -37.08 2.30 -2.35
C GLU B 157 -36.07 3.40 -2.06
N VAL B 158 -35.79 4.23 -3.06
CA VAL B 158 -34.94 5.39 -2.83
C VAL B 158 -35.76 6.62 -3.17
N PHE B 159 -36.10 7.39 -2.14
CA PHE B 159 -36.81 8.64 -2.36
C PHE B 159 -35.84 9.80 -2.46
N GLY B 160 -36.07 10.67 -3.43
CA GLY B 160 -35.20 11.79 -3.58
C GLY B 160 -35.73 12.71 -4.64
N ASN B 161 -35.03 13.83 -4.78
CA ASN B 161 -35.36 14.80 -5.78
C ASN B 161 -34.12 15.61 -6.05
N PRO B 162 -33.32 15.18 -7.04
CA PRO B 162 -32.08 15.90 -7.33
C PRO B 162 -32.33 17.39 -7.67
N GLN B 163 -33.60 17.77 -7.78
CA GLN B 163 -33.97 19.16 -8.08
C GLN B 163 -34.39 19.97 -6.84
N GLU B 164 -34.85 19.29 -5.80
CA GLU B 164 -35.14 19.93 -4.52
C GLU B 164 -33.89 20.58 -3.89
N LYS B 165 -34.03 21.84 -3.48
CA LYS B 165 -32.89 22.61 -3.01
C LYS B 165 -32.96 22.82 -1.50
N ASP B 166 -34.12 22.55 -0.92
CA ASP B 166 -34.29 22.65 0.53
C ASP B 166 -34.08 21.30 1.22
N ALA B 167 -33.09 21.24 2.10
CA ALA B 167 -32.69 19.99 2.74
C ALA B 167 -33.72 19.46 3.76
N ILE B 168 -34.20 20.36 4.61
CA ILE B 168 -35.18 20.00 5.62
C ILE B 168 -36.47 19.55 4.94
N LYS B 169 -36.87 20.31 3.93
CA LYS B 169 -38.10 20.06 3.21
C LYS B 169 -38.07 18.68 2.59
N LEU B 170 -36.96 18.39 1.92
CA LEU B 170 -36.79 17.13 1.22
C LEU B 170 -36.82 15.95 2.18
N ALA B 171 -36.20 16.12 3.33
CA ALA B 171 -36.14 15.08 4.35
C ALA B 171 -37.53 14.78 4.90
N LYS B 172 -38.23 15.86 5.27
CA LYS B 172 -39.58 15.76 5.78
C LYS B 172 -40.52 15.08 4.76
N GLU B 173 -40.55 15.61 3.54
CA GLU B 173 -41.33 15.00 2.44
C GLU B 173 -41.03 13.51 2.25
N GLY B 174 -39.74 13.19 2.17
CA GLY B 174 -39.29 11.84 1.89
C GLY B 174 -39.63 10.86 2.99
N VAL B 175 -39.43 11.27 4.23
CA VAL B 175 -39.73 10.39 5.35
C VAL B 175 -41.22 10.07 5.34
N ASP B 176 -42.05 11.10 5.24
CA ASP B 176 -43.50 10.92 5.19
C ASP B 176 -43.87 9.94 4.09
N TYR B 177 -43.40 10.21 2.88
CA TYR B 177 -43.69 9.32 1.76
C TYR B 177 -43.28 7.88 2.01
N PHE B 178 -41.99 7.64 2.26
CA PHE B 178 -41.48 6.29 2.47
C PHE B 178 -42.27 5.59 3.59
N LYS B 179 -42.65 6.36 4.61
CA LYS B 179 -43.39 5.80 5.74
C LYS B 179 -44.77 5.29 5.30
N SER B 180 -45.35 5.95 4.29
CA SER B 180 -46.62 5.53 3.68
C SER B 180 -46.54 4.13 3.09
N LYS B 181 -45.48 3.85 2.34
CA LYS B 181 -45.36 2.54 1.70
C LYS B 181 -45.07 1.39 2.67
N GLY B 182 -45.09 1.71 3.97
CA GLY B 182 -45.05 0.69 5.00
C GLY B 182 -43.69 0.05 5.24
N VAL B 183 -42.64 0.86 5.26
CA VAL B 183 -41.29 0.38 5.49
C VAL B 183 -41.01 0.26 6.99
N ASP B 184 -40.31 -0.80 7.39
CA ASP B 184 -39.91 -0.98 8.79
C ASP B 184 -38.85 0.03 9.22
N ILE B 185 -37.91 0.29 8.32
CA ILE B 185 -36.75 1.13 8.61
C ILE B 185 -36.60 2.22 7.54
N ILE B 186 -36.36 3.45 7.98
CA ILE B 186 -36.07 4.53 7.04
C ILE B 186 -34.67 5.07 7.32
N ILE B 187 -33.83 5.05 6.29
CA ILE B 187 -32.50 5.62 6.42
C ILE B 187 -32.44 6.95 5.68
N VAL B 188 -32.09 8.02 6.37
CA VAL B 188 -32.05 9.33 5.73
C VAL B 188 -30.63 9.79 5.50
N ASP B 189 -30.30 10.06 4.22
CA ASP B 189 -29.00 10.58 3.85
C ASP B 189 -29.03 12.09 3.77
N THR B 190 -28.35 12.73 4.71
CA THR B 190 -28.36 14.19 4.81
C THR B 190 -27.27 14.78 3.95
N ALA B 191 -27.36 16.09 3.74
CA ALA B 191 -26.38 16.78 2.93
C ALA B 191 -25.03 16.78 3.65
N GLY B 192 -23.98 16.50 2.91
CA GLY B 192 -22.65 16.60 3.48
C GLY B 192 -22.22 18.04 3.67
N ARG B 193 -20.94 18.20 4.00
N ARG B 193 -20.93 18.20 3.92
CA ARG B 193 -20.31 19.51 4.15
CA ARG B 193 -20.32 19.51 4.11
C ARG B 193 -18.83 19.31 3.84
C ARG B 193 -18.84 19.30 3.82
N HIS B 194 -18.15 20.37 3.43
CA HIS B 194 -16.73 20.24 3.12
C HIS B 194 -16.02 19.72 4.36
N LYS B 195 -16.41 20.23 5.52
CA LYS B 195 -15.80 19.83 6.78
C LYS B 195 -16.83 19.80 7.90
N GLU B 196 -16.48 19.20 9.03
CA GLU B 196 -17.40 19.12 10.17
C GLU B 196 -17.28 20.37 11.04
N ASP B 197 -18.12 21.35 10.76
CA ASP B 197 -18.02 22.65 11.37
C ASP B 197 -19.37 22.99 12.00
N LYS B 198 -19.45 24.18 12.58
CA LYS B 198 -20.67 24.61 13.23
C LYS B 198 -21.84 24.45 12.28
N ALA B 199 -21.58 24.70 11.00
CA ALA B 199 -22.58 24.57 9.95
C ALA B 199 -23.11 23.13 9.87
N LEU B 200 -22.20 22.17 9.77
CA LEU B 200 -22.60 20.77 9.72
C LEU B 200 -23.46 20.38 10.93
N ILE B 201 -22.91 20.52 12.14
CA ILE B 201 -23.62 20.08 13.35
C ILE B 201 -24.93 20.86 13.57
N GLU B 202 -24.95 22.14 13.18
CA GLU B 202 -26.20 22.89 13.16
C GLU B 202 -27.20 22.30 12.18
N MET B 204 -27.81 19.34 11.14
CA MET B 204 -28.20 18.03 11.69
C MET B 204 -29.11 18.13 12.90
N LYS B 205 -28.91 19.17 13.72
CA LYS B 205 -29.81 19.40 14.82
C LYS B 205 -31.16 19.82 14.27
N GLN B 206 -31.13 20.74 13.30
CA GLN B 206 -32.35 21.16 12.61
C GLN B 206 -33.13 19.97 12.07
N ILE B 207 -32.49 19.14 11.24
CA ILE B 207 -33.20 18.03 10.62
C ILE B 207 -33.68 17.07 11.69
N SER B 208 -32.79 16.76 12.63
CA SER B 208 -33.13 15.85 13.72
C SER B 208 -34.36 16.34 14.52
N ASN B 209 -34.45 17.66 14.73
CA ASN B 209 -35.62 18.22 15.42
C ASN B 209 -36.92 18.17 14.59
N VAL B 210 -36.79 18.04 13.28
CA VAL B 210 -37.94 17.98 12.39
C VAL B 210 -38.44 16.55 12.15
N ILE B 211 -37.52 15.59 12.01
CA ILE B 211 -37.93 14.20 11.74
C ILE B 211 -37.85 13.29 12.97
N HIS B 212 -37.25 13.78 14.04
CA HIS B 212 -37.16 12.98 15.26
C HIS B 212 -36.67 11.56 15.00
N PRO B 213 -35.37 11.42 14.67
CA PRO B 213 -34.82 10.09 14.40
C PRO B 213 -34.76 9.26 15.67
N HIS B 214 -34.93 7.94 15.55
CA HIS B 214 -34.56 7.06 16.66
C HIS B 214 -33.06 7.18 16.94
N GLU B 215 -32.27 7.50 15.92
CA GLU B 215 -30.82 7.49 16.05
C GLU B 215 -30.13 8.35 14.99
N VAL B 216 -28.98 8.91 15.34
CA VAL B 216 -28.21 9.73 14.42
C VAL B 216 -26.81 9.14 14.31
N ILE B 217 -26.45 8.72 13.09
CA ILE B 217 -25.18 8.06 12.83
C ILE B 217 -24.26 8.97 12.06
N LEU B 218 -23.10 9.27 12.64
CA LEU B 218 -22.06 10.00 11.93
C LEU B 218 -21.17 8.99 11.23
N VAL B 219 -20.86 9.24 9.96
CA VAL B 219 -19.97 8.35 9.23
C VAL B 219 -18.59 9.00 9.18
N ILE B 220 -17.60 8.29 9.72
CA ILE B 220 -16.26 8.82 9.85
C ILE B 220 -15.31 8.03 8.96
N ASP B 221 -14.50 8.75 8.20
CA ASP B 221 -13.46 8.16 7.36
C ASP B 221 -12.27 7.73 8.24
N GLY B 222 -12.10 6.41 8.41
CA GLY B 222 -11.09 5.84 9.29
C GLY B 222 -9.63 6.14 8.98
N THR B 223 -9.38 6.58 7.74
CA THR B 223 -8.03 6.89 7.30
C THR B 223 -7.52 8.20 7.93
N ILE B 224 -8.39 8.97 8.57
CA ILE B 224 -7.95 10.20 9.25
C ILE B 224 -7.27 9.86 10.56
N GLY B 225 -7.36 8.60 10.95
CA GLY B 225 -6.75 8.15 12.18
C GLY B 225 -7.21 8.84 13.44
N GLN B 226 -6.24 9.21 14.28
CA GLN B 226 -6.55 9.80 15.57
C GLN B 226 -7.26 11.13 15.46
N GLN B 227 -7.39 11.67 14.25
CA GLN B 227 -8.17 12.91 14.07
C GLN B 227 -9.68 12.70 14.19
N ALA B 228 -10.08 11.43 14.24
CA ALA B 228 -11.47 11.07 14.44
C ALA B 228 -11.98 11.51 15.82
N TYR B 229 -11.07 11.60 16.79
CA TYR B 229 -11.46 11.92 18.15
C TYR B 229 -12.22 13.22 18.23
N ASN B 230 -11.64 14.30 17.73
CA ASN B 230 -12.32 15.59 17.83
C ASN B 230 -13.64 15.60 17.08
N GLN B 231 -13.68 14.89 15.96
CA GLN B 231 -14.89 14.79 15.15
C GLN B 231 -16.03 14.04 15.83
N ALA B 232 -15.73 12.87 16.39
CA ALA B 232 -16.73 12.12 17.15
C ALA B 232 -17.13 12.87 18.43
N LEU B 233 -16.18 13.55 19.07
CA LEU B 233 -16.51 14.27 20.29
C LEU B 233 -17.48 15.40 20.01
N ALA B 234 -17.20 16.22 19.00
CA ALA B 234 -18.07 17.36 18.71
C ALA B 234 -19.48 16.91 18.41
N PHE B 235 -19.59 15.80 17.69
CA PHE B 235 -20.86 15.27 17.23
C PHE B 235 -21.66 14.68 18.40
N LYS B 236 -20.97 13.90 19.23
CA LYS B 236 -21.57 13.28 20.40
C LYS B 236 -22.07 14.32 21.40
N GLU B 237 -21.39 15.46 21.47
CA GLU B 237 -21.80 16.52 22.36
C GLU B 237 -23.13 17.10 21.91
N ALA B 238 -23.33 17.09 20.60
CA ALA B 238 -24.45 17.78 19.98
C ALA B 238 -25.67 16.91 19.84
N THR B 239 -25.63 15.71 20.41
CA THR B 239 -26.76 14.83 20.25
C THR B 239 -26.73 13.73 21.29
N PRO B 240 -27.88 13.48 21.92
CA PRO B 240 -28.06 12.45 22.95
C PRO B 240 -28.20 11.06 22.35
N ILE B 241 -28.48 10.99 21.05
CA ILE B 241 -28.76 9.73 20.38
C ILE B 241 -27.76 9.44 19.26
N GLY B 242 -26.48 9.57 19.56
CA GLY B 242 -25.48 9.50 18.52
C GLY B 242 -24.71 8.20 18.47
N SER B 243 -24.51 7.69 17.26
CA SER B 243 -23.66 6.54 17.05
C SER B 243 -22.72 6.77 15.87
N ILE B 244 -21.70 5.95 15.79
CA ILE B 244 -20.66 6.14 14.79
C ILE B 244 -20.59 4.90 13.94
N ILE B 245 -20.33 5.13 12.65
CA ILE B 245 -19.81 4.12 11.74
C ILE B 245 -18.45 4.58 11.22
N VAL B 246 -17.42 3.78 11.40
CA VAL B 246 -16.11 4.10 10.83
C VAL B 246 -15.86 3.30 9.54
N THR B 247 -15.58 4.03 8.46
CA THR B 247 -15.39 3.41 7.14
C THR B 247 -13.93 3.36 6.71
N LYS B 248 -13.70 2.73 5.57
CA LYS B 248 -12.37 2.69 4.95
C LYS B 248 -11.30 2.02 5.81
N LEU B 249 -11.66 0.98 6.56
CA LEU B 249 -10.70 0.31 7.43
C LEU B 249 -9.83 -0.67 6.66
N ASP B 250 -10.31 -1.06 5.49
CA ASP B 250 -9.57 -1.96 4.60
C ASP B 250 -8.23 -1.35 4.13
N GLY B 251 -7.15 -2.09 4.33
CA GLY B 251 -5.82 -1.65 3.96
C GLY B 251 -5.32 -0.43 4.71
N SER B 252 -6.16 0.11 5.60
CA SER B 252 -5.85 1.37 6.24
C SER B 252 -4.74 1.21 7.25
N ALA B 253 -3.77 2.11 7.16
CA ALA B 253 -2.68 2.14 8.10
C ALA B 253 -3.09 2.77 9.44
N LYS B 254 -4.03 3.71 9.38
CA LYS B 254 -4.41 4.48 10.56
C LYS B 254 -5.78 4.10 11.12
N GLY B 255 -6.44 3.09 10.56
CA GLY B 255 -7.72 2.63 11.07
C GLY B 255 -7.68 2.39 12.57
N GLY B 256 -6.64 1.73 13.04
CA GLY B 256 -6.45 1.54 14.46
C GLY B 256 -6.61 2.82 15.25
N GLY B 257 -5.92 3.84 14.78
CA GLY B 257 -5.92 5.12 15.47
C GLY B 257 -7.30 5.72 15.52
N ALA B 258 -8.09 5.51 14.46
CA ALA B 258 -9.44 6.04 14.40
C ALA B 258 -10.42 5.31 15.31
N LEU B 259 -10.35 3.98 15.36
CA LEU B 259 -11.25 3.22 16.24
C LEU B 259 -11.04 3.59 17.73
N SER B 260 -9.77 3.62 18.14
CA SER B 260 -9.42 3.97 19.50
C SER B 260 -9.75 5.44 19.75
N ALA B 261 -9.52 6.28 18.75
CA ALA B 261 -9.92 7.67 18.87
C ALA B 261 -11.41 7.78 19.19
N VAL B 262 -12.25 7.08 18.42
CA VAL B 262 -13.69 7.16 18.61
C VAL B 262 -14.13 6.57 19.93
N ALA B 263 -13.60 5.40 20.24
CA ALA B 263 -13.94 4.74 21.50
C ALA B 263 -13.55 5.55 22.74
N ALA B 264 -12.50 6.35 22.64
CA ALA B 264 -12.06 7.16 23.77
C ALA B 264 -13.02 8.32 23.96
N THR B 265 -14.16 8.23 23.31
CA THR B 265 -15.08 9.34 23.28
C THR B 265 -16.35 8.74 23.83
N GLY B 266 -16.42 7.40 23.80
CA GLY B 266 -17.57 6.69 24.30
C GLY B 266 -18.73 6.53 23.33
N ALA B 267 -18.79 7.38 22.30
CA ALA B 267 -19.79 7.19 21.26
C ALA B 267 -19.67 5.76 20.74
N PRO B 268 -20.80 5.08 20.62
CA PRO B 268 -20.74 3.67 20.25
C PRO B 268 -20.40 3.50 18.76
N ILE B 269 -19.42 2.64 18.47
CA ILE B 269 -19.13 2.23 17.09
C ILE B 269 -20.04 1.07 16.63
N LYS B 270 -21.03 1.35 15.81
CA LYS B 270 -21.97 0.29 15.41
C LYS B 270 -21.55 -0.60 14.22
N PHE B 271 -20.97 -0.01 13.18
CA PHE B 271 -20.47 -0.79 12.06
C PHE B 271 -19.11 -0.31 11.60
N ILE B 272 -18.41 -1.16 10.87
CA ILE B 272 -17.25 -0.68 10.18
C ILE B 272 -17.35 -0.93 8.67
N GLY B 273 -16.89 0.04 7.89
CA GLY B 273 -16.80 -0.09 6.45
C GLY B 273 -15.49 -0.75 6.07
N THR B 274 -15.50 -1.54 5.00
CA THR B 274 -14.49 -2.56 4.79
C THR B 274 -14.06 -2.68 3.31
N GLY B 275 -14.62 -1.82 2.48
CA GLY B 275 -14.40 -1.88 1.07
C GLY B 275 -15.41 -1.04 0.34
N GLU B 276 -15.34 -1.03 -0.99
CA GLU B 276 -16.16 -0.13 -1.78
C GLU B 276 -17.50 -0.77 -2.15
N LYS B 277 -17.55 -2.08 -2.04
CA LYS B 277 -18.72 -2.86 -2.40
C LYS B 277 -19.84 -2.91 -1.32
N ILE B 278 -21.09 -3.00 -1.78
CA ILE B 278 -22.31 -3.03 -0.96
C ILE B 278 -22.29 -3.97 0.28
N ASP B 279 -21.42 -4.99 0.28
CA ASP B 279 -21.37 -5.99 1.35
C ASP B 279 -20.20 -5.76 2.31
N ASP B 280 -19.41 -4.73 2.07
CA ASP B 280 -18.22 -4.45 2.88
C ASP B 280 -18.57 -3.63 4.14
N ILE B 281 -19.40 -4.24 4.98
CA ILE B 281 -19.79 -3.63 6.22
C ILE B 281 -19.95 -4.75 7.23
N GLU B 282 -19.39 -4.55 8.41
CA GLU B 282 -19.58 -5.52 9.46
C GLU B 282 -19.95 -4.84 10.77
N PRO B 283 -20.90 -5.43 11.50
CA PRO B 283 -21.26 -4.81 12.77
C PRO B 283 -20.04 -4.90 13.68
N PHE B 284 -19.82 -3.89 14.51
CA PHE B 284 -18.67 -3.86 15.40
C PHE B 284 -19.03 -4.47 16.75
N ASP B 285 -18.19 -5.40 17.19
CA ASP B 285 -18.34 -6.09 18.46
C ASP B 285 -16.94 -6.22 19.10
N PRO B 286 -16.56 -5.21 19.90
CA PRO B 286 -15.16 -5.11 20.37
C PRO B 286 -14.44 -6.43 20.71
N PRO B 287 -15.02 -7.29 21.57
CA PRO B 287 -14.31 -8.53 21.95
C PRO B 287 -14.08 -9.49 20.79
N ARG B 288 -15.07 -9.61 19.90
CA ARG B 288 -14.93 -10.42 18.68
C ARG B 288 -13.84 -9.84 17.77
N PHE B 289 -13.92 -8.52 17.55
CA PHE B 289 -12.94 -7.80 16.77
C PHE B 289 -11.53 -7.98 17.33
N VAL B 290 -11.34 -7.73 18.62
CA VAL B 290 -10.01 -7.80 19.22
C VAL B 290 -9.46 -9.22 19.17
N SER B 291 -10.35 -10.20 19.31
CA SER B 291 -9.93 -11.60 19.21
C SER B 291 -9.45 -11.98 17.80
N ARG B 292 -10.20 -11.60 16.76
CA ARG B 292 -9.68 -11.78 15.41
C ARG B 292 -8.36 -11.01 15.24
N LEU B 293 -8.37 -9.73 15.65
CA LEU B 293 -7.17 -8.91 15.56
C LEU B 293 -5.94 -9.63 16.05
N LEU B 294 -5.99 -10.12 17.29
CA LEU B 294 -4.82 -10.76 17.90
C LEU B 294 -4.61 -12.19 17.40
N GLY B 295 -5.53 -12.66 16.55
CA GLY B 295 -5.49 -14.02 16.05
C GLY B 295 -5.73 -15.08 17.12
N LEU B 296 -6.68 -14.83 18.02
CA LEU B 296 -6.99 -15.75 19.12
C LEU B 296 -7.92 -16.86 18.66
N GLY B 297 -7.88 -17.99 19.37
CA GLY B 297 -8.75 -19.12 19.06
C GLY B 297 -8.73 -19.51 17.59
N ASP B 298 -7.53 -19.59 17.02
CA ASP B 298 -7.39 -19.85 15.60
C ASP B 298 -7.39 -21.33 15.26
N ILE B 299 -8.54 -21.99 15.38
CA ILE B 299 -8.63 -23.39 14.98
C ILE B 299 -8.43 -23.53 13.47
N GLN B 300 -9.04 -22.62 12.71
CA GLN B 300 -8.87 -22.57 11.26
C GLN B 300 -7.40 -22.59 10.90
N GLY B 301 -6.61 -21.80 11.62
CA GLY B 301 -5.18 -21.74 11.40
C GLY B 301 -4.53 -23.08 11.61
N LEU B 302 -4.88 -23.74 12.70
CA LEU B 302 -4.30 -25.04 13.04
C LEU B 302 -4.63 -26.09 11.98
N LEU B 303 -5.87 -26.05 11.49
CA LEU B 303 -6.31 -26.96 10.45
C LEU B 303 -5.50 -26.77 9.17
N GLU B 304 -5.47 -25.53 8.66
CA GLU B 304 -4.70 -25.21 7.47
C GLU B 304 -3.29 -25.80 7.53
N LYS B 305 -2.67 -25.71 8.69
CA LYS B 305 -1.31 -26.17 8.82
C LYS B 305 -1.25 -27.70 8.67
N PHE B 306 -2.26 -28.38 9.21
CA PHE B 306 -2.35 -29.82 9.01
C PHE B 306 -2.54 -30.16 7.54
N LYS B 307 -3.50 -29.50 6.90
CA LYS B 307 -3.74 -29.72 5.48
C LYS B 307 -2.43 -29.60 4.71
N GLU B 308 -1.74 -28.49 4.88
CA GLU B 308 -0.51 -28.21 4.14
C GLU B 308 0.55 -29.27 4.35
N LEU B 309 0.63 -29.76 5.59
CA LEU B 309 1.61 -30.77 5.95
C LEU B 309 1.34 -32.10 5.25
N GLU B 310 0.06 -32.42 5.06
CA GLU B 310 -0.30 -33.66 4.36
C GLU B 310 -0.01 -33.58 2.87
N LYS B 311 -0.22 -32.41 2.28
CA LYS B 311 0.07 -32.18 0.87
C LYS B 311 1.51 -32.53 0.53
N GLU B 312 2.34 -32.70 1.54
CA GLU B 312 3.75 -33.03 1.33
C GLU B 312 3.95 -34.53 1.15
N VAL B 313 2.85 -35.26 1.08
CA VAL B 313 2.86 -36.73 1.04
C VAL B 313 3.81 -37.34 0.00
N GLU B 314 3.70 -36.91 -1.25
CA GLU B 314 4.59 -37.36 -2.32
C GLU B 314 6.07 -37.24 -1.95
N ILE B 315 6.45 -36.12 -1.35
CA ILE B 315 7.83 -35.93 -0.97
C ILE B 315 8.24 -36.93 0.11
N LYS B 316 7.40 -37.04 1.14
CA LYS B 316 7.61 -38.00 2.22
C LYS B 316 7.74 -39.40 1.65
N GLU B 317 6.88 -39.72 0.69
CA GLU B 317 6.83 -41.04 0.08
C GLU B 317 8.05 -41.35 -0.78
N GLU B 318 8.63 -40.33 -1.40
CA GLU B 318 9.88 -40.54 -2.14
C GLU B 318 11.06 -40.74 -1.21
N ASP B 319 11.04 -40.04 -0.07
CA ASP B 319 12.07 -40.22 0.96
C ASP B 319 12.10 -41.66 1.40
N ILE B 320 10.90 -42.21 1.60
CA ILE B 320 10.73 -43.55 2.10
C ILE B 320 11.11 -44.60 1.06
N GLU B 321 10.63 -44.44 -0.16
CA GLU B 321 11.09 -45.29 -1.27
C GLU B 321 12.62 -45.39 -1.31
N ARG B 322 13.29 -44.32 -0.89
CA ARG B 322 14.74 -44.27 -0.89
C ARG B 322 15.31 -45.11 0.26
N PHE B 323 14.52 -45.28 1.31
CA PHE B 323 14.89 -46.14 2.44
C PHE B 323 14.76 -47.62 2.10
N LEU B 324 13.64 -47.99 1.47
CA LEU B 324 13.41 -49.37 1.05
C LEU B 324 14.56 -49.83 0.15
N ARG B 325 15.20 -48.88 -0.53
CA ARG B 325 16.36 -49.19 -1.36
C ARG B 325 17.66 -49.22 -0.56
N GLY B 326 17.54 -49.15 0.76
CA GLY B 326 18.69 -49.19 1.65
C GLY B 326 19.55 -47.93 1.67
N LYS B 327 19.01 -46.83 1.16
CA LYS B 327 19.69 -45.54 1.24
C LYS B 327 19.07 -44.72 2.38
N PHE B 328 19.58 -44.93 3.59
CA PHE B 328 19.02 -44.36 4.80
C PHE B 328 20.16 -43.99 5.72
N THR B 329 20.42 -42.69 5.88
CA THR B 329 21.57 -42.18 6.62
C THR B 329 21.28 -41.87 8.07
N LEU B 330 22.32 -41.54 8.83
CA LEU B 330 22.16 -41.09 10.21
C LEU B 330 21.39 -39.77 10.26
N LYS B 331 21.53 -38.99 9.20
CA LYS B 331 20.78 -37.77 8.98
C LYS B 331 19.29 -38.09 9.02
N ASP B 332 18.89 -39.07 8.21
CA ASP B 332 17.51 -39.50 8.14
C ASP B 332 17.02 -39.99 9.50
N MET B 333 17.87 -40.71 10.22
CA MET B 333 17.50 -41.32 11.49
C MET B 333 17.30 -40.23 12.54
N TYR B 334 18.36 -39.45 12.73
CA TYR B 334 18.33 -38.28 13.59
C TYR B 334 17.03 -37.49 13.40
N ALA B 335 16.61 -37.35 12.15
CA ALA B 335 15.37 -36.64 11.86
C ALA B 335 14.14 -37.43 12.31
N GLN B 336 14.13 -38.74 12.04
CA GLN B 336 13.01 -39.59 12.41
C GLN B 336 12.76 -39.59 13.91
N LEU B 337 13.84 -39.41 14.67
CA LEU B 337 13.76 -39.42 16.12
C LEU B 337 13.27 -38.07 16.65
N GLU B 338 14.00 -37.00 16.36
CA GLU B 338 13.55 -35.66 16.73
C GLU B 338 12.06 -35.56 16.40
N ALA B 339 11.68 -36.12 15.26
CA ALA B 339 10.29 -36.16 14.83
C ALA B 339 9.43 -36.86 15.87
N MET B 340 9.80 -38.10 16.20
CA MET B 340 9.01 -38.92 17.11
C MET B 340 8.86 -38.32 18.51
N ARG B 341 9.84 -37.55 18.96
CA ARG B 341 9.73 -36.89 20.26
C ARG B 341 8.69 -35.77 20.22
N LYS B 342 8.07 -35.61 19.06
CA LYS B 342 6.90 -34.74 18.90
C LYS B 342 5.70 -35.50 18.33
N MET B 343 5.85 -36.81 18.13
CA MET B 343 4.70 -37.66 17.87
C MET B 343 3.81 -37.66 19.11
N GLY B 344 4.25 -36.92 20.13
CA GLY B 344 3.52 -36.78 21.37
C GLY B 344 3.56 -35.37 21.90
N PRO B 345 2.38 -34.77 22.13
CA PRO B 345 1.10 -35.43 21.88
C PRO B 345 0.83 -35.64 20.39
N SER B 366 10.69 -46.16 18.51
CA SER B 366 10.66 -45.68 19.89
C SER B 366 12.00 -45.90 20.59
N ILE B 367 12.45 -44.91 21.36
CA ILE B 367 13.73 -45.02 22.07
C ILE B 367 13.75 -44.32 23.43
N GLY B 368 13.00 -43.22 23.55
CA GLY B 368 12.99 -42.46 24.78
C GLY B 368 13.39 -41.01 24.56
N GLU B 369 13.38 -40.22 25.62
CA GLU B 369 13.68 -38.79 25.51
C GLU B 369 15.09 -38.47 25.98
N GLU B 370 15.68 -39.37 26.77
CA GLU B 370 17.03 -39.17 27.27
C GLU B 370 18.04 -39.92 26.41
N ARG B 371 17.62 -41.04 25.85
CA ARG B 371 18.45 -41.80 24.94
C ARG B 371 18.59 -41.05 23.62
N LEU B 372 17.50 -40.40 23.20
CA LEU B 372 17.52 -39.56 22.00
C LEU B 372 18.43 -38.36 22.22
N LYS B 373 18.35 -37.78 23.41
CA LYS B 373 19.18 -36.63 23.78
C LYS B 373 20.67 -36.97 23.70
N LYS B 374 21.00 -38.20 24.07
CA LYS B 374 22.38 -38.67 24.03
C LYS B 374 22.80 -39.00 22.60
N PHE B 375 21.86 -39.52 21.80
CA PHE B 375 22.14 -39.86 20.40
C PHE B 375 22.50 -38.62 19.59
N LYS B 376 21.74 -37.55 19.82
CA LYS B 376 22.01 -36.28 19.18
C LYS B 376 23.47 -35.96 19.44
N VAL B 377 23.79 -35.69 20.70
CA VAL B 377 25.16 -35.35 21.13
C VAL B 377 26.27 -36.14 20.44
N ILE B 378 25.99 -37.40 20.12
CA ILE B 378 27.02 -38.25 19.51
C ILE B 378 27.18 -37.94 18.03
N MET B 379 26.05 -37.78 17.35
CA MET B 379 26.03 -37.46 15.93
C MET B 379 26.63 -36.09 15.70
N ASP B 380 26.45 -35.22 16.68
CA ASP B 380 26.97 -33.87 16.61
C ASP B 380 28.48 -33.86 16.71
N SER B 381 29.07 -35.05 16.82
CA SER B 381 30.52 -35.15 16.84
C SER B 381 31.00 -35.97 15.65
N MET B 382 30.04 -36.44 14.86
CA MET B 382 30.32 -37.06 13.59
C MET B 382 30.42 -35.98 12.53
N THR B 383 31.24 -36.25 11.50
CA THR B 383 31.33 -35.37 10.35
C THR B 383 30.23 -35.66 9.33
N GLU B 384 30.20 -34.85 8.28
CA GLU B 384 29.19 -34.96 7.24
C GLU B 384 29.31 -36.26 6.42
N GLU B 385 30.53 -36.72 6.18
CA GLU B 385 30.69 -37.97 5.45
C GLU B 385 30.21 -39.13 6.32
N GLU B 386 30.50 -39.06 7.62
CA GLU B 386 30.06 -40.07 8.56
C GLU B 386 28.54 -40.13 8.69
N LEU B 387 27.89 -38.98 8.81
CA LEU B 387 26.43 -38.97 8.91
C LEU B 387 25.79 -39.49 7.64
N LEU B 388 26.49 -39.34 6.52
CA LEU B 388 25.90 -39.63 5.21
C LEU B 388 26.29 -41.01 4.68
N ASN B 389 27.37 -41.55 5.21
CA ASN B 389 27.85 -42.89 4.86
C ASN B 389 28.27 -43.65 6.11
N PRO B 390 27.30 -43.98 6.97
CA PRO B 390 27.60 -44.64 8.25
C PRO B 390 28.44 -45.91 8.06
N GLU B 391 28.32 -46.50 6.88
CA GLU B 391 29.10 -47.68 6.49
C GLU B 391 30.60 -47.49 6.68
N ILE B 392 31.09 -46.28 6.44
CA ILE B 392 32.52 -46.00 6.47
C ILE B 392 33.05 -45.88 7.88
N ILE B 393 32.17 -45.92 8.87
CA ILE B 393 32.60 -45.64 10.24
C ILE B 393 33.52 -46.74 10.79
N ASN B 394 34.81 -46.43 10.80
CA ASN B 394 35.88 -47.31 11.29
C ASN B 394 35.72 -47.75 12.73
N TYR B 395 36.83 -48.28 13.25
CA TYR B 395 36.95 -48.59 14.66
C TYR B 395 37.55 -47.36 15.33
N SER B 396 38.58 -46.80 14.72
CA SER B 396 39.23 -45.59 15.23
C SER B 396 38.27 -44.42 15.17
N ARG B 397 37.50 -44.35 14.08
CA ARG B 397 36.47 -43.32 13.94
C ARG B 397 35.54 -43.31 15.13
N ILE B 398 35.13 -44.49 15.59
CA ILE B 398 34.26 -44.61 16.76
C ILE B 398 34.96 -44.07 18.02
N LYS B 399 36.29 -44.18 18.05
CA LYS B 399 37.06 -43.61 19.16
C LYS B 399 37.04 -42.09 19.06
N ARG B 400 37.33 -41.58 17.86
CA ARG B 400 37.30 -40.14 17.59
C ARG B 400 35.95 -39.56 17.99
N ILE B 401 34.88 -40.30 17.69
CA ILE B 401 33.54 -39.78 17.88
C ILE B 401 33.16 -39.74 19.36
N ALA B 402 33.36 -40.86 20.06
CA ALA B 402 33.05 -40.98 21.48
C ALA B 402 33.87 -39.94 22.24
N ARG B 403 35.08 -39.74 21.77
CA ARG B 403 35.98 -38.78 22.37
C ARG B 403 35.48 -37.35 22.15
N GLY B 404 35.11 -37.04 20.91
CA GLY B 404 34.61 -35.71 20.59
C GLY B 404 33.26 -35.42 21.21
N SER B 405 32.44 -36.45 21.36
CA SER B 405 31.10 -36.28 21.92
C SER B 405 31.17 -36.41 23.42
N GLY B 406 32.32 -36.85 23.93
CA GLY B 406 32.50 -37.12 25.34
C GLY B 406 31.56 -38.21 25.83
N THR B 407 31.55 -39.34 25.12
CA THR B 407 30.76 -40.49 25.53
C THR B 407 31.58 -41.78 25.42
N SER B 408 31.01 -42.91 25.83
CA SER B 408 31.70 -44.18 25.73
C SER B 408 31.58 -44.72 24.31
N THR B 409 32.63 -45.37 23.80
CA THR B 409 32.52 -46.05 22.51
C THR B 409 31.34 -47.01 22.54
N LYS B 410 30.89 -47.33 23.75
CA LYS B 410 29.72 -48.17 23.94
C LYS B 410 28.47 -47.41 23.50
N ASP B 411 28.36 -46.17 23.97
CA ASP B 411 27.30 -45.27 23.55
C ASP B 411 27.25 -45.15 22.02
N VAL B 412 28.42 -45.01 21.42
CA VAL B 412 28.53 -44.86 19.98
C VAL B 412 28.03 -46.09 19.23
N LYS B 413 28.43 -47.26 19.69
CA LYS B 413 28.02 -48.50 19.05
C LYS B 413 26.55 -48.80 19.32
N GLU B 414 26.03 -48.25 20.42
CA GLU B 414 24.59 -48.32 20.70
C GLU B 414 23.81 -47.67 19.56
N LEU B 415 24.01 -46.37 19.42
CA LEU B 415 23.44 -45.60 18.32
C LEU B 415 23.57 -46.31 16.97
N LEU B 416 24.77 -46.81 16.68
CA LEU B 416 25.03 -47.47 15.42
C LEU B 416 24.19 -48.74 15.24
N ASP B 417 23.85 -49.40 16.35
CA ASP B 417 22.97 -50.56 16.30
C ASP B 417 21.56 -50.11 15.96
N GLN B 418 21.03 -49.22 16.78
CA GLN B 418 19.72 -48.64 16.51
C GLN B 418 19.64 -48.25 15.03
N TYR B 419 20.69 -47.64 14.51
CA TYR B 419 20.74 -47.33 13.10
C TYR B 419 20.58 -48.62 12.28
N ARG B 420 21.54 -49.53 12.41
CA ARG B 420 21.52 -50.77 11.63
C ARG B 420 20.15 -51.46 11.67
N GLN B 421 19.50 -51.40 12.83
CA GLN B 421 18.14 -51.93 12.97
C GLN B 421 17.20 -51.24 12.00
N MET B 422 16.80 -50.01 12.32
CA MET B 422 15.90 -49.22 11.49
C MET B 422 16.23 -49.35 10.01
N LYS B 423 17.52 -49.40 9.69
CA LYS B 423 17.94 -49.53 8.30
C LYS B 423 17.37 -50.78 7.63
N LYS B 424 17.86 -51.94 8.05
CA LYS B 424 17.42 -53.22 7.49
C LYS B 424 15.90 -53.36 7.52
N LEU B 425 15.29 -52.85 8.60
CA LEU B 425 13.85 -52.77 8.72
C LEU B 425 13.21 -52.13 7.47
N PHE B 426 13.73 -50.98 7.06
CA PHE B 426 13.29 -50.31 5.84
C PHE B 426 13.66 -51.11 4.62
N LYS B 427 14.93 -51.53 4.56
CA LYS B 427 15.44 -52.28 3.42
C LYS B 427 14.54 -53.47 3.17
N SER B 428 13.97 -53.99 4.25
CA SER B 428 13.05 -55.11 4.17
C SER B 428 11.63 -54.70 4.55
N MET B 429 11.19 -53.58 3.98
CA MET B 429 9.77 -53.31 3.80
C MET B 429 9.56 -53.54 2.32
N ASN B 430 8.30 -53.62 1.89
CA ASN B 430 8.00 -53.68 0.47
C ASN B 430 7.18 -52.46 0.08
N LYS B 431 7.07 -52.21 -1.22
CA LYS B 431 6.38 -51.02 -1.72
C LYS B 431 4.89 -50.98 -1.37
N ARG B 432 4.52 -51.66 -0.30
CA ARG B 432 3.17 -51.55 0.26
C ARG B 432 3.24 -50.65 1.48
N GLN B 433 3.95 -49.53 1.32
CA GLN B 433 4.22 -48.62 2.44
C GLN B 433 3.53 -47.26 2.26
N LEU B 434 2.31 -47.14 2.76
CA LEU B 434 1.57 -45.88 2.71
C LEU B 434 1.38 -45.30 4.11
S SO4 C . -7.42 18.80 -17.84
O1 SO4 C . -7.87 19.98 -18.59
O2 SO4 C . -5.99 18.60 -18.07
O3 SO4 C . -7.65 19.02 -16.41
O4 SO4 C . -8.16 17.61 -18.29
S SO4 D . 3.74 16.09 -19.69
O1 SO4 D . 3.17 17.17 -18.88
O2 SO4 D . 5.08 16.45 -20.14
O3 SO4 D . 3.81 14.86 -18.88
O4 SO4 D . 2.88 15.87 -20.86
S SO4 E . -35.46 5.52 -13.69
O1 SO4 E . -36.83 5.28 -13.22
O2 SO4 E . -34.92 6.65 -12.93
O3 SO4 E . -34.65 4.31 -13.52
O4 SO4 E . -35.46 5.88 -15.11
S SO4 F . 29.65 -10.53 -13.54
O1 SO4 F . 29.23 -9.35 -12.81
O2 SO4 F . 31.11 -10.53 -13.58
O3 SO4 F . 29.20 -11.75 -12.88
O4 SO4 F . 29.11 -10.58 -14.89
S SO4 G . -14.01 -19.24 -24.25
O1 SO4 G . -15.42 -18.98 -23.98
O2 SO4 G . -13.28 -18.00 -24.50
O3 SO4 G . -13.41 -19.93 -23.10
O4 SO4 G . -13.88 -20.10 -25.42
S SO4 H . -15.48 -13.10 -37.93
O1 SO4 H . -15.94 -12.06 -38.84
O2 SO4 H . -14.07 -12.86 -37.60
O3 SO4 H . -16.30 -13.07 -36.72
O4 SO4 H . -15.58 -14.41 -38.58
C ACT I . -17.23 23.23 -16.34
O ACT I . -17.34 23.44 -15.12
OXT ACT I . -16.13 23.56 -16.86
CH3 ACT I . -18.38 22.63 -17.13
PB GDP J . -17.03 -1.44 -14.02
O1B GDP J . -15.60 -1.79 -14.27
O2B GDP J . -17.79 -2.70 -13.71
O3B GDP J . -17.59 -0.75 -15.25
O3A GDP J . -17.22 -0.57 -12.68
PA GDP J . -16.48 0.80 -12.28
O1A GDP J . -17.15 1.45 -11.10
O2A GDP J . -16.38 1.76 -13.42
O5' GDP J . -15.05 0.26 -11.78
C5' GDP J . -15.04 -0.55 -10.63
C4' GDP J . -14.13 0.04 -9.53
O4' GDP J . -12.83 0.45 -10.01
C3' GDP J . -14.78 1.26 -8.90
O3' GDP J . -14.60 1.09 -7.49
C2' GDP J . -13.98 2.42 -9.44
O2' GDP J . -13.85 3.47 -8.52
C1' GDP J . -12.61 1.82 -9.64
N9 GDP J . -11.79 2.49 -10.65
C8 GDP J . -12.03 2.67 -11.96
N7 GDP J . -10.99 3.30 -12.56
C5 GDP J . -10.05 3.50 -11.61
C6 GDP J . -8.68 4.10 -11.53
O6 GDP J . -8.11 4.59 -12.53
N1 GDP J . -8.09 4.11 -10.34
C2 GDP J . -8.65 3.59 -9.24
N2 GDP J . -7.96 3.62 -8.07
N3 GDP J . -9.87 3.01 -9.23
C4 GDP J . -10.58 2.96 -10.36
S SO4 K . -23.90 -10.86 5.11
O1 SO4 K . -24.58 -9.76 5.80
O2 SO4 K . -22.67 -10.39 4.47
O3 SO4 K . -23.56 -11.92 6.08
O4 SO4 K . -24.76 -11.44 4.08
S SO4 L . -34.01 12.18 -12.46
O1 SO4 L . -34.19 12.47 -13.90
O2 SO4 L . -32.91 13.02 -11.96
O3 SO4 L . -35.22 12.47 -11.71
O4 SO4 L . -33.74 10.75 -12.29
S SO4 M . 5.62 -23.75 28.09
O1 SO4 M . 4.84 -22.71 28.76
O2 SO4 M . 7.04 -23.49 28.31
O3 SO4 M . 5.28 -25.06 28.64
O4 SO4 M . 5.35 -23.76 26.66
S SO4 N . 15.10 -0.80 30.85
O1 SO4 N . 15.70 0.42 30.30
O2 SO4 N . 16.07 -1.46 31.71
O3 SO4 N . 13.88 -0.44 31.58
O4 SO4 N . 14.75 -1.74 29.79
S SO4 O . 4.51 -19.68 36.41
O1 SO4 O . 3.22 -19.01 36.25
O2 SO4 O . 5.57 -18.90 35.76
O3 SO4 O . 4.83 -19.80 37.83
O4 SO4 O . 4.40 -21.00 35.78
C ACT P . -31.86 -10.59 -2.40
O ACT P . -32.50 -10.23 -1.38
OXT ACT P . -31.14 -11.60 -2.25
CH3 ACT P . -31.97 -9.84 -3.69
PB GDP Q . -19.40 10.52 0.08
O1B GDP Q . -18.48 10.17 1.20
O2B GDP Q . -19.15 11.94 -0.41
O3B GDP Q . -20.82 10.33 0.52
O3A GDP Q . -19.08 9.59 -1.20
PA GDP Q . -18.98 7.99 -1.28
O1A GDP Q . -19.02 7.61 -2.73
O2A GDP Q . -20.03 7.27 -0.47
O5' GDP Q . -17.51 7.67 -0.68
C5' GDP Q . -16.38 8.28 -1.28
C4' GDP Q . -15.42 7.19 -1.68
O4' GDP Q . -15.13 6.36 -0.56
C3' GDP Q . -16.07 6.27 -2.69
O3' GDP Q . -15.11 5.96 -3.69
C2' GDP Q . -16.31 4.97 -1.96
O2' GDP Q . -16.15 3.87 -2.87
C1' GDP Q . -15.21 4.99 -0.94
N9 GDP Q . -15.52 4.19 0.26
C8 GDP Q . -16.62 4.30 1.04
N7 GDP Q . -16.59 3.42 2.05
C5 GDP Q . -15.45 2.71 1.94
C6 GDP Q . -14.80 1.63 2.67
O6 GDP Q . -15.35 1.17 3.69
N1 GDP Q . -13.62 1.17 2.23
C2 GDP Q . -13.02 1.68 1.13
N2 GDP Q . -11.83 1.18 0.74
N3 GDP Q . -13.56 2.67 0.40
C4 GDP Q . -14.75 3.21 0.75
#